data_2QX5
#
_entry.id   2QX5
#
_cell.length_a   87.121
_cell.length_b   82.478
_cell.length_c   113.028
_cell.angle_alpha   90.00
_cell.angle_beta   91.11
_cell.angle_gamma   90.00
#
_symmetry.space_group_name_H-M   'P 1 21 1'
#
loop_
_entity.id
_entity.type
_entity.pdbx_description
1 polymer 'Nucleoporin NIC96'
2 non-polymer 'CHLORIDE ION'
3 water water
#
_entity_poly.entity_id   1
_entity_poly.type   'polypeptide(L)'
_entity_poly.pdbx_seq_one_letter_code
;PGSEFELGNKGNNILNSNESRLNVNENNILREKFENYARIVFQFNNSRQANGNFDIANEFISILSSANGTRNAQLLESWK
ILESMKSKDINIVEVGKQYLEQQFLQYTDNLYKKNMNEGLATNVNKIKSFIDTKLKKADKSWKISNLTVINGVPIWALIF
YLLRAGLIKEALQVLVENKANIKKVEQSFLTYFKAYASSKDHGLPVEYSTKLHTEYNQHIKSSLDGDPYRLAVYKLIGRC
DLSRKNIPAVTLSIEDWLWMHLMLIKEKDAENDPVYERYSLEDFQNIIISYGPSRFSNYYLQTLLLSGLYGLAIDYTYTF
SEMDAVHLAIGLASLKLFKIDSSTRLTKKPKRDIRFANILANYTKSFRYSDPRVAVEYLVLITLNEGPTDVELCHEALRE
LVLETKEFTVLLGKIGRDGARIPGVIEERQPLLHVRDEKEFLHTITEQAARRADEDGRIYDSILLYQLAEEYDIVITLVN
SLLSDTLSASDLDQPLVGPDDNSETNPVLLARRMASIYFDNAGISRQIHVKNKEICMLLLNISSIRELYFNKQWQETLSQ
MELLDLLPFSDELSARKKAQDFSNLDDNIVKNIPNLLIITLSCISNMIHILNESKYQSSTKGQQIDSLKNVARQCMIYAG
MIQYRMPRETYSTLINIDVSL
;
_entity_poly.pdbx_strand_id   A,B
#
loop_
_chem_comp.id
_chem_comp.type
_chem_comp.name
_chem_comp.formula
CL non-polymer 'CHLORIDE ION' 'Cl -1'
#
# COMPACT_ATOMS: atom_id res chain seq x y z
N LEU A 22 7.24 4.42 -17.65
CA LEU A 22 8.24 5.49 -17.53
C LEU A 22 8.81 5.56 -16.14
N ASN A 23 10.06 5.97 -16.06
CA ASN A 23 10.77 6.08 -14.80
C ASN A 23 11.81 7.17 -14.96
N VAL A 24 11.59 8.28 -14.26
CA VAL A 24 12.40 9.48 -14.42
C VAL A 24 13.86 9.29 -14.00
N ASN A 25 14.11 8.23 -13.23
CA ASN A 25 15.44 7.95 -12.70
C ASN A 25 16.17 6.84 -13.45
N GLU A 26 15.56 6.37 -14.53
CA GLU A 26 16.12 5.31 -15.36
C GLU A 26 17.50 5.70 -15.91
N ASN A 27 17.60 6.90 -16.48
CA ASN A 27 18.87 7.39 -17.01
C ASN A 27 19.05 8.88 -16.81
N ASN A 28 20.26 9.37 -17.06
CA ASN A 28 20.58 10.78 -16.82
C ASN A 28 20.08 11.70 -17.92
N ILE A 29 19.72 11.14 -19.07
CA ILE A 29 19.16 11.91 -20.17
C ILE A 29 17.71 12.29 -19.87
N LEU A 30 16.97 11.35 -19.30
CA LEU A 30 15.56 11.54 -18.93
C LEU A 30 15.43 12.31 -17.62
N ARG A 31 16.39 12.09 -16.72
CA ARG A 31 16.39 12.73 -15.41
C ARG A 31 16.50 14.25 -15.52
N GLU A 32 17.29 14.70 -16.49
CA GLU A 32 17.53 16.13 -16.67
C GLU A 32 16.27 16.82 -17.16
N LYS A 33 15.57 16.16 -18.09
CA LYS A 33 14.33 16.70 -18.64
C LYS A 33 13.32 16.87 -17.51
N PHE A 34 13.23 15.85 -16.66
CA PHE A 34 12.39 15.91 -15.47
C PHE A 34 12.68 17.14 -14.63
N GLU A 35 13.95 17.38 -14.35
CA GLU A 35 14.28 18.50 -13.49
C GLU A 35 13.88 19.83 -14.15
N ASN A 36 14.14 19.97 -15.45
CA ASN A 36 13.80 21.18 -16.19
C ASN A 36 12.30 21.48 -16.22
N TYR A 37 11.51 20.42 -16.41
CA TYR A 37 10.06 20.53 -16.41
C TYR A 37 9.52 20.82 -15.03
N ALA A 38 10.09 20.17 -14.01
CA ALA A 38 9.67 20.41 -12.62
C ALA A 38 9.88 21.86 -12.21
N ARG A 39 10.98 22.46 -12.65
CA ARG A 39 11.23 23.85 -12.29
C ARG A 39 10.17 24.77 -12.90
N ILE A 40 9.73 24.44 -14.12
CA ILE A 40 8.65 25.17 -14.76
C ILE A 40 7.35 25.08 -13.94
N VAL A 41 6.98 23.86 -13.56
CA VAL A 41 5.78 23.65 -12.75
C VAL A 41 5.93 24.38 -11.43
N PHE A 42 7.15 24.40 -10.91
CA PHE A 42 7.44 25.11 -9.69
C PHE A 42 7.11 26.60 -9.82
N GLN A 43 7.58 27.22 -10.90
CA GLN A 43 7.31 28.65 -11.12
C GLN A 43 5.83 28.93 -11.37
N PHE A 44 5.13 27.98 -12.01
CA PHE A 44 3.69 28.09 -12.26
C PHE A 44 2.88 28.12 -10.95
N ASN A 45 3.23 27.25 -10.00
CA ASN A 45 2.55 27.23 -8.72
C ASN A 45 2.84 28.53 -7.98
N ASN A 46 4.07 29.02 -8.09
CA ASN A 46 4.42 30.35 -7.56
C ASN A 46 3.54 31.49 -8.07
N SER A 47 3.23 31.47 -9.37
CA SER A 47 2.37 32.48 -9.98
C SER A 47 0.93 32.31 -9.54
N ARG A 48 0.44 31.08 -9.57
CA ARG A 48 -0.93 30.80 -9.12
C ARG A 48 -1.13 31.37 -7.73
N GLN A 49 -0.11 31.20 -6.91
CA GLN A 49 -0.21 31.49 -5.49
C GLN A 49 -0.01 32.98 -5.22
N ALA A 50 0.87 33.60 -5.99
CA ALA A 50 1.07 35.04 -5.91
C ALA A 50 0.03 35.72 -6.78
N ASN A 51 -0.88 34.92 -7.33
CA ASN A 51 -1.94 35.43 -8.19
C ASN A 51 -1.39 36.39 -9.24
N GLY A 52 -0.33 35.97 -9.91
CA GLY A 52 0.38 36.83 -10.84
C GLY A 52 0.43 36.33 -12.27
N ASN A 53 1.37 36.90 -13.04
CA ASN A 53 1.51 36.63 -14.47
C ASN A 53 2.49 35.52 -14.78
N PHE A 54 2.00 34.48 -15.46
CA PHE A 54 2.87 33.39 -15.89
C PHE A 54 2.40 32.82 -17.22
N ASP A 55 3.36 32.60 -18.11
CA ASP A 55 3.06 32.09 -19.43
C ASP A 55 3.74 30.74 -19.59
N ILE A 56 3.03 29.68 -19.21
CA ILE A 56 3.62 28.35 -19.23
C ILE A 56 4.01 27.92 -20.64
N ALA A 57 3.17 28.23 -21.63
CA ALA A 57 3.46 27.85 -23.00
C ALA A 57 4.76 28.48 -23.46
N ASN A 58 4.92 29.75 -23.11
CA ASN A 58 6.17 30.46 -23.41
C ASN A 58 7.38 29.75 -22.82
N GLU A 59 7.23 29.28 -21.59
CA GLU A 59 8.30 28.55 -20.89
C GLU A 59 8.77 27.29 -21.61
N PHE A 60 7.84 26.41 -21.96
CA PHE A 60 8.20 25.16 -22.63
C PHE A 60 8.71 25.43 -24.05
N ILE A 61 8.13 26.43 -24.70
CA ILE A 61 8.60 26.84 -26.01
C ILE A 61 10.08 27.15 -25.90
N SER A 62 10.45 27.84 -24.83
CA SER A 62 11.83 28.19 -24.58
C SER A 62 12.72 26.96 -24.38
N ILE A 63 12.21 25.99 -23.64
CA ILE A 63 12.98 24.80 -23.33
C ILE A 63 13.08 23.84 -24.52
N LEU A 64 12.07 23.90 -25.40
CA LEU A 64 11.99 22.98 -26.54
C LEU A 64 12.63 23.53 -27.81
N SER A 65 12.81 24.85 -27.88
CA SER A 65 13.37 25.47 -29.08
C SER A 65 14.83 25.07 -29.25
N SER A 66 15.48 24.71 -28.14
CA SER A 66 16.87 24.26 -28.15
C SER A 66 16.96 22.73 -28.26
N ALA A 67 15.83 22.05 -28.10
CA ALA A 67 15.76 20.61 -28.28
C ALA A 67 15.97 20.27 -29.75
N ASN A 68 15.97 18.98 -30.07
CA ASN A 68 16.17 18.54 -31.46
C ASN A 68 15.59 17.16 -31.77
N GLY A 69 14.96 17.05 -32.93
CA GLY A 69 14.34 15.80 -33.32
C GLY A 69 13.00 16.03 -34.01
N THR A 70 12.36 14.93 -34.41
CA THR A 70 11.06 14.99 -35.07
C THR A 70 9.97 15.33 -34.05
N ARG A 71 9.94 14.55 -32.96
CA ARG A 71 8.90 14.73 -31.95
C ARG A 71 9.05 16.09 -31.28
N ASN A 72 10.29 16.49 -31.02
CA ASN A 72 10.53 17.75 -30.34
C ASN A 72 10.13 18.95 -31.18
N ALA A 73 10.30 18.84 -32.50
CA ALA A 73 9.84 19.87 -33.42
C ALA A 73 8.32 19.90 -33.41
N GLN A 74 7.72 18.73 -33.24
CA GLN A 74 6.28 18.60 -33.22
C GLN A 74 5.69 19.15 -31.90
N LEU A 75 6.35 18.85 -30.78
CA LEU A 75 5.96 19.40 -29.48
C LEU A 75 6.12 20.92 -29.39
N LEU A 76 7.27 21.42 -29.83
CA LEU A 76 7.49 22.85 -29.89
C LEU A 76 6.36 23.57 -30.65
N GLU A 77 5.86 22.99 -31.73
CA GLU A 77 4.80 23.69 -32.45
C GLU A 77 3.45 23.61 -31.73
N SER A 78 3.17 22.47 -31.12
CA SER A 78 1.96 22.31 -30.30
C SER A 78 1.88 23.35 -29.20
N TRP A 79 3.00 23.57 -28.50
CA TRP A 79 3.06 24.66 -27.52
C TRP A 79 2.83 26.07 -28.11
N LYS A 80 3.36 26.35 -29.30
CA LYS A 80 3.02 27.56 -30.05
C LYS A 80 1.51 27.65 -30.33
N ILE A 81 0.90 26.52 -30.67
CA ILE A 81 -0.54 26.47 -30.83
C ILE A 81 -1.27 26.82 -29.54
N LEU A 82 -0.87 26.21 -28.42
CA LEU A 82 -1.43 26.58 -27.12
C LEU A 82 -1.16 28.05 -26.77
N GLU A 83 0.09 28.47 -26.95
CA GLU A 83 0.45 29.86 -26.66
C GLU A 83 -0.43 30.88 -27.41
N SER A 84 -0.66 30.65 -28.70
CA SER A 84 -1.42 31.57 -29.54
C SER A 84 -2.90 31.56 -29.20
N MET A 85 -3.25 30.91 -28.11
CA MET A 85 -4.64 30.59 -27.80
C MET A 85 -5.06 31.14 -26.46
N LYS A 86 -4.09 31.59 -25.67
CA LYS A 86 -4.37 32.09 -24.32
C LYS A 86 -5.14 33.39 -24.33
N SER A 87 -5.94 33.59 -23.30
CA SER A 87 -6.65 34.85 -23.06
C SER A 87 -7.49 35.32 -24.24
N LYS A 88 -7.77 34.40 -25.16
CA LYS A 88 -8.55 34.71 -26.34
C LYS A 88 -9.96 34.14 -26.16
N ASP A 89 -10.93 34.76 -26.82
CA ASP A 89 -12.29 34.24 -26.79
C ASP A 89 -12.27 32.78 -27.23
N ILE A 90 -12.89 31.91 -26.45
CA ILE A 90 -12.89 30.48 -26.77
C ILE A 90 -13.72 30.17 -28.00
N ASN A 91 -13.03 29.79 -29.07
CA ASN A 91 -13.69 29.52 -30.34
C ASN A 91 -12.77 28.69 -31.22
N ILE A 92 -12.93 27.38 -31.13
CA ILE A 92 -11.98 26.45 -31.72
C ILE A 92 -11.72 26.72 -33.20
N VAL A 93 -12.77 26.98 -33.96
CA VAL A 93 -12.61 27.22 -35.39
C VAL A 93 -11.92 28.56 -35.69
N GLU A 94 -12.34 29.64 -35.02
CA GLU A 94 -11.72 30.94 -35.25
C GLU A 94 -10.24 30.98 -34.87
N VAL A 95 -9.90 30.24 -33.82
CA VAL A 95 -8.56 30.16 -33.30
C VAL A 95 -7.64 29.29 -34.16
N GLY A 96 -8.20 28.27 -34.78
CA GLY A 96 -7.43 27.40 -35.67
C GLY A 96 -7.07 28.13 -36.96
N LYS A 97 -8.05 28.82 -37.51
CA LYS A 97 -7.83 29.70 -38.67
C LYS A 97 -6.77 30.77 -38.39
N GLN A 98 -6.98 31.56 -37.34
CA GLN A 98 -6.00 32.55 -36.90
C GLN A 98 -4.60 31.96 -36.83
N TYR A 99 -4.47 30.79 -36.19
CA TYR A 99 -3.17 30.16 -36.08
C TYR A 99 -2.56 29.80 -37.43
N LEU A 100 -3.35 29.17 -38.29
CA LEU A 100 -2.80 28.63 -39.53
C LEU A 100 -2.46 29.75 -40.50
N GLU A 101 -3.26 30.81 -40.43
CA GLU A 101 -3.02 32.01 -41.22
C GLU A 101 -1.76 32.71 -40.76
N GLN A 102 -1.65 32.96 -39.45
CA GLN A 102 -0.44 33.53 -38.88
C GLN A 102 0.79 32.73 -39.28
N GLN A 103 0.68 31.41 -39.22
CA GLN A 103 1.82 30.53 -39.46
C GLN A 103 2.28 30.61 -40.91
N PHE A 104 1.31 30.73 -41.83
CA PHE A 104 1.62 30.88 -43.24
C PHE A 104 2.31 32.21 -43.52
N LEU A 105 1.81 33.27 -42.90
CA LEU A 105 2.46 34.58 -42.97
C LEU A 105 3.92 34.49 -42.54
N GLN A 106 4.16 34.06 -41.31
CA GLN A 106 5.52 33.82 -40.83
C GLN A 106 6.33 32.98 -41.80
N TYR A 107 5.69 31.99 -42.41
CA TYR A 107 6.39 31.12 -43.35
C TYR A 107 6.84 31.88 -44.59
N THR A 108 5.99 32.78 -45.07
CA THR A 108 6.33 33.58 -46.23
C THR A 108 7.41 34.59 -45.88
N ASP A 109 7.47 34.99 -44.60
CA ASP A 109 8.52 35.89 -44.14
C ASP A 109 9.86 35.21 -44.29
N ASN A 110 10.00 34.06 -43.65
CA ASN A 110 11.24 33.29 -43.70
C ASN A 110 11.72 33.05 -45.12
N LEU A 111 10.77 32.85 -46.03
CA LEU A 111 11.11 32.66 -47.43
C LEU A 111 11.67 33.93 -48.06
N TYR A 112 11.07 35.07 -47.74
CA TYR A 112 11.55 36.33 -48.30
C TYR A 112 12.94 36.65 -47.75
N LYS A 113 13.08 36.54 -46.42
CA LYS A 113 14.35 36.80 -45.75
C LYS A 113 15.45 35.86 -46.24
N LYS A 114 15.08 34.88 -47.06
CA LYS A 114 16.06 33.95 -47.61
C LYS A 114 16.31 34.24 -49.09
N ASN A 115 15.24 34.33 -49.87
CA ASN A 115 15.34 34.61 -51.30
C ASN A 115 15.85 36.03 -51.58
N MET A 116 15.18 37.02 -50.99
CA MET A 116 15.50 38.42 -51.24
C MET A 116 16.36 39.04 -50.14
N ASN A 117 16.66 38.25 -49.12
CA ASN A 117 17.40 38.70 -47.93
C ASN A 117 17.04 40.11 -47.46
N GLU A 118 15.78 40.34 -47.13
CA GLU A 118 15.34 41.66 -46.66
C GLU A 118 14.70 41.63 -45.27
N GLY A 119 13.37 41.64 -45.22
CA GLY A 119 12.68 41.66 -43.95
C GLY A 119 11.73 42.84 -43.78
N LEU A 120 11.82 43.84 -44.65
CA LEU A 120 10.96 45.01 -44.54
C LEU A 120 9.96 45.21 -45.70
N ALA A 121 9.72 44.20 -46.52
CA ALA A 121 8.75 44.36 -47.60
C ALA A 121 7.33 44.25 -47.06
N THR A 122 6.36 44.74 -47.84
CA THR A 122 4.96 44.66 -47.46
C THR A 122 4.52 43.20 -47.46
N ASN A 123 3.52 42.88 -46.65
CA ASN A 123 2.82 41.60 -46.75
C ASN A 123 2.59 41.18 -48.20
N VAL A 124 1.84 41.98 -48.94
CA VAL A 124 1.52 41.69 -50.35
C VAL A 124 2.73 41.29 -51.18
N ASN A 125 3.86 41.94 -50.93
CA ASN A 125 5.07 41.61 -51.68
C ASN A 125 5.75 40.32 -51.23
N LYS A 126 5.67 40.02 -49.95
CA LYS A 126 6.25 38.78 -49.46
C LYS A 126 5.49 37.62 -50.09
N ILE A 127 4.21 37.86 -50.37
CA ILE A 127 3.31 36.82 -50.85
C ILE A 127 3.38 36.60 -52.36
N LYS A 128 3.57 37.68 -53.12
CA LYS A 128 3.81 37.59 -54.55
C LYS A 128 5.14 36.90 -54.78
N SER A 129 6.13 37.29 -54.00
CA SER A 129 7.43 36.63 -54.01
C SER A 129 7.25 35.13 -53.73
N PHE A 130 6.35 34.79 -52.82
CA PHE A 130 6.04 33.39 -52.54
C PHE A 130 5.36 32.76 -53.74
N ILE A 131 4.30 33.40 -54.20
CA ILE A 131 3.50 32.90 -55.33
C ILE A 131 4.37 32.73 -56.55
N ASP A 132 5.38 33.57 -56.65
CA ASP A 132 6.24 33.59 -57.83
C ASP A 132 7.22 32.43 -57.82
N THR A 133 7.62 31.98 -56.63
CA THR A 133 8.58 30.89 -56.53
C THR A 133 7.91 29.54 -56.27
N LYS A 134 6.58 29.53 -56.22
CA LYS A 134 5.86 28.27 -56.00
C LYS A 134 4.85 28.00 -57.10
N LEU A 135 4.90 28.76 -58.18
CA LEU A 135 3.98 28.56 -59.28
C LEU A 135 4.72 28.67 -60.60
N LYS A 136 6.02 28.49 -60.54
CA LYS A 136 6.83 28.50 -61.75
C LYS A 136 7.80 27.32 -61.74
N LYS A 137 8.07 26.79 -62.92
CA LYS A 137 8.83 25.54 -63.07
C LYS A 137 10.31 25.80 -63.26
N ALA A 138 10.75 27.01 -62.92
CA ALA A 138 12.05 27.54 -63.35
C ALA A 138 11.92 28.12 -64.76
N ASP A 139 11.26 27.37 -65.64
CA ASP A 139 11.02 27.71 -67.06
C ASP A 139 10.37 29.07 -67.24
N LYS A 140 10.15 29.80 -66.15
CA LYS A 140 9.28 30.96 -66.19
C LYS A 140 7.92 30.54 -66.70
N SER A 141 7.66 29.24 -66.61
CA SER A 141 6.41 28.62 -67.01
C SER A 141 5.54 28.28 -65.82
N TRP A 142 4.34 28.81 -65.81
CA TRP A 142 3.40 28.50 -64.76
C TRP A 142 3.23 27.00 -64.63
N LYS A 143 3.20 26.51 -63.40
CA LYS A 143 3.12 25.07 -63.14
C LYS A 143 1.69 24.58 -63.28
N ILE A 144 0.75 25.51 -63.14
CA ILE A 144 -0.65 25.17 -63.19
C ILE A 144 -1.37 25.91 -64.31
N SER A 145 -1.86 25.14 -65.28
CA SER A 145 -2.48 25.69 -66.47
C SER A 145 -3.83 26.32 -66.17
N ASN A 146 -4.20 27.31 -66.98
CA ASN A 146 -5.50 27.98 -66.88
C ASN A 146 -5.53 29.09 -65.83
N LEU A 147 -4.37 29.59 -65.43
CA LEU A 147 -4.32 30.71 -64.52
C LEU A 147 -4.70 32.02 -65.22
N THR A 148 -5.69 32.73 -64.67
CA THR A 148 -5.97 34.09 -65.12
C THR A 148 -4.81 35.01 -64.72
N VAL A 149 -4.21 35.68 -65.69
CA VAL A 149 -3.03 36.49 -65.39
C VAL A 149 -3.16 37.96 -65.82
N ILE A 150 -2.48 38.84 -65.08
CA ILE A 150 -2.45 40.25 -65.37
C ILE A 150 -1.09 40.76 -64.95
N ASN A 151 -0.51 41.68 -65.74
CA ASN A 151 0.82 42.22 -65.46
C ASN A 151 1.84 41.14 -65.13
N GLY A 152 1.55 39.91 -65.54
CA GLY A 152 2.41 38.77 -65.28
C GLY A 152 2.19 38.09 -63.95
N VAL A 153 1.08 38.41 -63.28
CA VAL A 153 0.77 37.83 -61.98
C VAL A 153 -0.67 37.33 -61.86
N PRO A 154 -0.84 36.14 -61.26
CA PRO A 154 -2.07 35.36 -61.14
C PRO A 154 -3.03 35.87 -60.08
N ILE A 155 -3.97 36.72 -60.49
CA ILE A 155 -4.84 37.42 -59.55
C ILE A 155 -5.59 36.54 -58.53
N TRP A 156 -6.15 35.41 -58.99
CA TRP A 156 -6.90 34.52 -58.10
C TRP A 156 -5.97 33.76 -57.17
N ALA A 157 -4.79 33.41 -57.68
CA ALA A 157 -3.79 32.80 -56.81
C ALA A 157 -3.41 33.81 -55.73
N LEU A 158 -3.13 35.04 -56.15
CA LEU A 158 -2.81 36.12 -55.21
C LEU A 158 -3.96 36.36 -54.25
N ILE A 159 -5.18 36.32 -54.77
CA ILE A 159 -6.32 36.60 -53.92
C ILE A 159 -6.47 35.50 -52.87
N PHE A 160 -6.25 34.25 -53.30
CA PHE A 160 -6.34 33.08 -52.45
C PHE A 160 -5.32 33.11 -51.33
N TYR A 161 -4.07 33.44 -51.65
CA TYR A 161 -3.02 33.44 -50.62
C TYR A 161 -3.07 34.64 -49.68
N LEU A 162 -3.78 35.68 -50.08
CA LEU A 162 -4.06 36.79 -49.20
C LEU A 162 -5.07 36.35 -48.16
N LEU A 163 -6.15 35.71 -48.63
CA LEU A 163 -7.10 35.06 -47.72
C LEU A 163 -6.39 34.08 -46.80
N ARG A 164 -5.61 33.19 -47.41
CA ARG A 164 -4.81 32.18 -46.71
C ARG A 164 -3.84 32.77 -45.68
N ALA A 165 -3.62 34.08 -45.77
CA ALA A 165 -2.73 34.71 -44.82
C ALA A 165 -3.51 35.49 -43.76
N GLY A 166 -4.84 35.51 -43.91
CA GLY A 166 -5.71 36.27 -43.03
C GLY A 166 -5.83 37.73 -43.47
N LEU A 167 -5.35 38.04 -44.67
CA LEU A 167 -5.28 39.42 -45.14
C LEU A 167 -6.45 39.77 -46.04
N ILE A 168 -7.64 39.85 -45.45
CA ILE A 168 -8.87 40.07 -46.21
C ILE A 168 -8.93 41.49 -46.78
N LYS A 169 -8.41 42.45 -46.03
CA LYS A 169 -8.35 43.85 -46.48
C LYS A 169 -7.63 43.94 -47.82
N GLU A 170 -6.47 43.30 -47.89
CA GLU A 170 -5.62 43.32 -49.07
C GLU A 170 -6.25 42.53 -50.23
N ALA A 171 -6.74 41.33 -49.94
CA ALA A 171 -7.40 40.49 -50.95
C ALA A 171 -8.52 41.25 -51.64
N LEU A 172 -9.26 42.01 -50.85
CA LEU A 172 -10.37 42.82 -51.35
C LEU A 172 -9.84 43.92 -52.28
N GLN A 173 -8.73 44.53 -51.92
CA GLN A 173 -8.16 45.60 -52.72
C GLN A 173 -7.77 45.08 -54.10
N VAL A 174 -7.17 43.90 -54.13
CA VAL A 174 -6.73 43.31 -55.39
C VAL A 174 -7.93 43.05 -56.29
N LEU A 175 -9.01 42.54 -55.71
CA LEU A 175 -10.23 42.33 -56.47
C LEU A 175 -10.79 43.67 -57.00
N VAL A 176 -10.82 44.68 -56.15
CA VAL A 176 -11.34 45.99 -56.56
C VAL A 176 -10.54 46.56 -57.73
N GLU A 177 -9.22 46.51 -57.61
CA GLU A 177 -8.33 47.04 -58.64
C GLU A 177 -8.58 46.47 -60.04
N ASN A 178 -8.72 45.14 -60.13
CA ASN A 178 -8.87 44.48 -61.42
C ASN A 178 -10.31 44.32 -61.88
N LYS A 179 -11.23 44.99 -61.18
CA LYS A 179 -12.65 44.77 -61.37
C LYS A 179 -12.98 44.56 -62.84
N ALA A 180 -12.28 45.29 -63.71
CA ALA A 180 -12.75 45.55 -65.06
C ALA A 180 -12.19 44.53 -66.05
N ASN A 181 -10.99 44.03 -65.76
CA ASN A 181 -10.36 43.01 -66.58
C ASN A 181 -11.17 41.72 -66.62
N ILE A 182 -12.37 41.77 -66.06
CA ILE A 182 -13.01 40.58 -65.48
C ILE A 182 -14.07 40.01 -66.41
N SER A 188 -20.49 39.69 -60.18
CA SER A 188 -20.24 40.37 -58.91
C SER A 188 -20.17 39.38 -57.75
N PHE A 189 -19.27 38.41 -57.87
CA PHE A 189 -18.65 37.79 -56.70
C PHE A 189 -17.96 38.83 -55.83
N LEU A 190 -17.59 39.96 -56.44
CA LEU A 190 -16.98 41.05 -55.71
C LEU A 190 -17.98 41.71 -54.75
N THR A 191 -19.26 41.68 -55.13
CA THR A 191 -20.32 42.21 -54.28
C THR A 191 -20.44 41.41 -52.98
N TYR A 192 -20.39 40.08 -53.11
CA TYR A 192 -20.47 39.21 -51.95
C TYR A 192 -19.19 39.27 -51.12
N PHE A 193 -18.05 39.30 -51.80
CA PHE A 193 -16.75 39.35 -51.13
C PHE A 193 -16.68 40.51 -50.14
N LYS A 194 -17.13 41.68 -50.56
CA LYS A 194 -17.19 42.85 -49.69
C LYS A 194 -18.03 42.56 -48.45
N ALA A 195 -19.15 41.88 -48.64
CA ALA A 195 -19.96 41.41 -47.52
C ALA A 195 -19.16 40.50 -46.61
N TYR A 196 -18.30 39.68 -47.19
CA TYR A 196 -17.46 38.76 -46.43
C TYR A 196 -15.98 39.00 -46.72
N ASP A 227 -10.22 29.63 -63.09
CA ASP A 227 -8.99 28.89 -62.82
C ASP A 227 -9.03 28.29 -61.41
N PRO A 228 -8.25 27.23 -61.21
CA PRO A 228 -8.37 26.40 -60.00
C PRO A 228 -8.45 27.26 -58.74
N TYR A 229 -7.65 28.32 -58.69
CA TYR A 229 -7.62 29.19 -57.53
C TYR A 229 -8.89 30.05 -57.45
N ARG A 230 -9.42 30.42 -58.61
CA ARG A 230 -10.70 31.10 -58.69
C ARG A 230 -11.83 30.18 -58.22
N LEU A 231 -11.67 28.89 -58.48
CA LEU A 231 -12.61 27.89 -57.99
C LEU A 231 -12.55 27.82 -56.47
N ALA A 232 -11.34 27.92 -55.91
CA ALA A 232 -11.13 27.80 -54.46
C ALA A 232 -11.74 28.97 -53.70
N VAL A 233 -11.53 30.18 -54.23
CA VAL A 233 -11.99 31.39 -53.57
C VAL A 233 -13.51 31.49 -53.51
N TYR A 234 -14.16 31.22 -54.63
CA TYR A 234 -15.62 31.18 -54.66
C TYR A 234 -16.10 30.13 -53.68
N LYS A 235 -15.50 28.94 -53.76
CA LYS A 235 -15.88 27.86 -52.86
C LYS A 235 -15.75 28.26 -51.39
N LEU A 236 -14.62 28.85 -51.01
CA LEU A 236 -14.38 29.25 -49.62
C LEU A 236 -15.29 30.39 -49.17
N ILE A 237 -15.36 31.45 -49.97
CA ILE A 237 -16.21 32.60 -49.66
C ILE A 237 -17.69 32.22 -49.74
N GLY A 238 -18.07 31.59 -50.84
CA GLY A 238 -19.45 31.16 -51.00
C GLY A 238 -19.82 30.05 -50.03
N ARG A 239 -18.84 29.23 -49.66
CA ARG A 239 -19.09 28.07 -48.84
C ARG A 239 -20.06 27.18 -49.61
N CYS A 240 -19.81 27.05 -50.91
CA CYS A 240 -20.68 26.25 -51.77
C CYS A 240 -20.04 24.91 -52.16
N ASP A 241 -20.86 24.00 -52.67
CA ASP A 241 -20.42 22.67 -53.08
C ASP A 241 -19.75 21.90 -51.95
N LEU A 242 -20.40 21.88 -50.78
CA LEU A 242 -19.78 21.26 -49.61
C LEU A 242 -19.62 19.75 -49.76
N SER A 243 -20.35 19.18 -50.68
CA SER A 243 -20.20 17.76 -50.99
C SER A 243 -18.77 17.50 -51.44
N ARG A 244 -18.18 18.50 -52.12
CA ARG A 244 -16.82 18.42 -52.61
C ARG A 244 -15.89 19.32 -51.80
N LYS A 245 -15.61 18.90 -50.56
CA LYS A 245 -14.77 19.68 -49.65
C LYS A 245 -13.33 19.86 -50.16
N ASN A 246 -12.87 18.93 -51.00
CA ASN A 246 -11.49 18.94 -51.46
C ASN A 246 -11.28 19.46 -52.88
N ILE A 247 -10.35 20.41 -53.02
CA ILE A 247 -9.92 20.93 -54.30
C ILE A 247 -8.40 20.94 -54.31
N PRO A 248 -7.79 19.76 -54.54
CA PRO A 248 -6.38 19.40 -54.31
C PRO A 248 -5.31 20.23 -55.05
N ALA A 249 -5.55 20.64 -56.30
CA ALA A 249 -4.54 21.35 -57.06
C ALA A 249 -3.93 22.54 -56.30
N VAL A 250 -4.78 23.28 -55.58
CA VAL A 250 -4.33 24.43 -54.80
C VAL A 250 -4.00 24.10 -53.33
N THR A 251 -4.04 22.82 -52.97
CA THR A 251 -3.63 22.39 -51.63
C THR A 251 -2.25 21.75 -51.68
N LEU A 252 -1.25 22.46 -51.17
CA LEU A 252 0.13 22.00 -51.30
C LEU A 252 0.71 21.46 -49.99
N SER A 253 -0.04 21.54 -48.91
CA SER A 253 0.43 21.10 -47.59
C SER A 253 -0.71 20.74 -46.65
N ILE A 254 -0.39 20.09 -45.54
CA ILE A 254 -1.41 19.72 -44.57
C ILE A 254 -2.02 20.96 -43.93
N GLU A 255 -1.19 21.95 -43.64
CA GLU A 255 -1.66 23.20 -43.08
C GLU A 255 -2.76 23.79 -43.95
N ASP A 256 -2.57 23.72 -45.26
CA ASP A 256 -3.55 24.28 -46.20
C ASP A 256 -4.88 23.52 -46.12
N TRP A 257 -4.79 22.19 -45.98
CA TRP A 257 -5.98 21.34 -45.86
C TRP A 257 -6.80 21.65 -44.61
N LEU A 258 -6.14 21.71 -43.45
CA LEU A 258 -6.85 22.00 -42.20
C LEU A 258 -7.51 23.36 -42.28
N TRP A 259 -6.77 24.35 -42.77
CA TRP A 259 -7.31 25.70 -42.95
C TRP A 259 -8.51 25.71 -43.92
N MET A 260 -8.41 25.00 -45.04
CA MET A 260 -9.54 24.89 -45.98
C MET A 260 -10.82 24.43 -45.29
N HIS A 261 -10.75 23.31 -44.58
CA HIS A 261 -11.90 22.78 -43.86
C HIS A 261 -12.45 23.76 -42.84
N LEU A 262 -11.57 24.28 -41.97
CA LEU A 262 -12.00 25.22 -40.95
C LEU A 262 -12.79 26.37 -41.58
N MET A 263 -12.33 26.83 -42.75
CA MET A 263 -13.01 27.89 -43.48
C MET A 263 -14.47 27.53 -43.72
N LEU A 264 -14.74 26.24 -43.93
CA LEU A 264 -15.96 25.80 -44.60
C LEU A 264 -17.09 25.59 -43.59
N ILE A 265 -16.78 25.77 -42.32
CA ILE A 265 -17.50 25.06 -41.25
C ILE A 265 -18.69 25.88 -40.76
N LYS A 266 -19.69 25.19 -40.20
CA LYS A 266 -21.06 25.68 -40.22
C LYS A 266 -21.32 26.54 -41.45
N GLU A 277 -25.70 21.81 -46.99
CA GLU A 277 -25.19 23.16 -46.80
C GLU A 277 -24.37 23.27 -45.53
N ARG A 278 -24.28 22.17 -44.79
CA ARG A 278 -24.01 22.23 -43.35
C ARG A 278 -22.82 21.35 -42.98
N TYR A 279 -21.76 21.97 -42.49
CA TYR A 279 -20.52 21.26 -42.19
C TYR A 279 -19.96 21.67 -40.83
N SER A 280 -20.11 20.79 -39.84
CA SER A 280 -19.83 21.14 -38.46
C SER A 280 -18.41 20.77 -38.06
N LEU A 281 -17.94 21.34 -36.96
CA LEU A 281 -16.66 20.95 -36.39
C LEU A 281 -16.61 19.45 -36.11
N GLU A 282 -17.60 18.95 -35.38
CA GLU A 282 -17.73 17.52 -35.12
C GLU A 282 -17.57 16.67 -36.40
N ASP A 283 -18.10 17.17 -37.51
CA ASP A 283 -17.91 16.53 -38.81
C ASP A 283 -16.44 16.57 -39.24
N PHE A 284 -15.80 17.73 -39.05
CA PHE A 284 -14.38 17.87 -39.34
C PHE A 284 -13.55 16.91 -38.50
N GLN A 285 -13.87 16.84 -37.22
CA GLN A 285 -13.18 15.95 -36.29
C GLN A 285 -13.34 14.47 -36.69
N ASN A 286 -14.57 14.10 -37.05
CA ASN A 286 -14.82 12.74 -37.55
C ASN A 286 -13.87 12.37 -38.67
N ILE A 287 -13.78 13.23 -39.69
CA ILE A 287 -12.89 13.00 -40.80
C ILE A 287 -11.46 12.80 -40.32
N ILE A 288 -11.02 13.66 -39.42
CA ILE A 288 -9.66 13.60 -38.93
C ILE A 288 -9.41 12.27 -38.26
N ILE A 289 -10.25 11.94 -37.29
CA ILE A 289 -10.10 10.70 -36.55
C ILE A 289 -10.21 9.52 -37.50
N SER A 290 -11.16 9.60 -38.42
CA SER A 290 -11.37 8.54 -39.40
C SER A 290 -10.08 8.14 -40.11
N TYR A 291 -9.34 9.13 -40.60
CA TYR A 291 -8.07 8.88 -41.30
C TYR A 291 -6.93 8.49 -40.35
N GLY A 292 -6.95 9.00 -39.12
CA GLY A 292 -5.95 8.63 -38.14
C GLY A 292 -4.56 9.22 -38.39
N PRO A 293 -3.61 8.93 -37.48
CA PRO A 293 -2.23 9.43 -37.56
C PRO A 293 -1.55 9.03 -38.85
N SER A 294 -1.95 7.90 -39.41
CA SER A 294 -1.38 7.39 -40.63
C SER A 294 -1.28 8.45 -41.73
N ARG A 295 -2.32 9.27 -41.87
CA ARG A 295 -2.43 10.18 -43.02
C ARG A 295 -2.03 11.62 -42.73
N PHE A 296 -1.40 11.87 -41.58
CA PHE A 296 -0.97 13.22 -41.25
C PHE A 296 0.52 13.31 -41.02
N SER A 297 1.24 12.31 -41.52
CA SER A 297 2.69 12.24 -41.39
C SER A 297 3.18 12.70 -40.01
N ASN A 298 3.81 13.86 -39.97
CA ASN A 298 4.27 14.41 -38.70
C ASN A 298 3.56 15.70 -38.31
N TYR A 299 2.25 15.73 -38.52
CA TYR A 299 1.42 16.87 -38.15
C TYR A 299 0.11 16.44 -37.47
N TYR A 300 0.10 15.26 -36.86
CA TYR A 300 -1.13 14.75 -36.25
C TYR A 300 -1.44 15.40 -34.88
N LEU A 301 -0.43 15.63 -34.07
CA LEU A 301 -0.64 16.32 -32.80
C LEU A 301 -1.22 17.72 -33.05
N GLN A 302 -0.61 18.45 -33.99
CA GLN A 302 -1.05 19.81 -34.32
C GLN A 302 -2.49 19.75 -34.82
N THR A 303 -2.74 18.80 -35.69
CA THR A 303 -4.07 18.59 -36.24
C THR A 303 -5.09 18.35 -35.12
N LEU A 304 -4.75 17.46 -34.21
CA LEU A 304 -5.61 17.18 -33.05
C LEU A 304 -5.90 18.41 -32.20
N LEU A 305 -4.85 19.18 -31.89
CA LEU A 305 -5.04 20.40 -31.12
C LEU A 305 -5.81 21.49 -31.88
N LEU A 306 -5.51 21.62 -33.18
CA LEU A 306 -6.19 22.61 -34.03
C LEU A 306 -7.67 22.30 -34.21
N SER A 307 -8.03 21.02 -34.31
CA SER A 307 -9.43 20.65 -34.44
C SER A 307 -10.13 20.62 -33.08
N GLY A 308 -9.36 20.82 -32.01
CA GLY A 308 -9.90 20.79 -30.66
C GLY A 308 -10.15 19.40 -30.08
N LEU A 309 -9.37 18.42 -30.54
CA LEU A 309 -9.47 17.06 -29.99
C LEU A 309 -8.45 16.93 -28.86
N TYR A 310 -8.69 17.65 -27.78
CA TYR A 310 -7.68 17.78 -26.74
C TYR A 310 -7.33 16.48 -26.04
N GLY A 311 -8.36 15.73 -25.65
CA GLY A 311 -8.15 14.43 -25.05
C GLY A 311 -7.33 13.51 -25.92
N LEU A 312 -7.69 13.44 -27.21
CA LEU A 312 -6.94 12.63 -28.16
C LEU A 312 -5.49 13.13 -28.36
N ALA A 313 -5.28 14.45 -28.42
CA ALA A 313 -3.92 15.01 -28.43
C ALA A 313 -3.07 14.43 -27.31
N ILE A 314 -3.62 14.43 -26.10
CA ILE A 314 -2.86 13.90 -24.96
C ILE A 314 -2.53 12.42 -25.12
N ASP A 315 -3.55 11.62 -25.42
CA ASP A 315 -3.40 10.21 -25.78
C ASP A 315 -2.25 10.02 -26.76
N TYR A 316 -2.30 10.75 -27.87
CA TYR A 316 -1.32 10.59 -28.94
C TYR A 316 0.07 10.91 -28.44
N THR A 317 0.20 12.00 -27.69
CA THR A 317 1.50 12.36 -27.13
C THR A 317 2.02 11.29 -26.16
N TYR A 318 1.12 10.59 -25.48
CA TYR A 318 1.53 9.47 -24.63
C TYR A 318 2.22 8.36 -25.41
N THR A 319 1.91 8.23 -26.70
CA THR A 319 2.49 7.15 -27.49
C THR A 319 3.98 7.31 -27.80
N PHE A 320 4.52 8.52 -27.63
CA PHE A 320 5.95 8.73 -27.85
C PHE A 320 6.68 9.48 -26.72
N SER A 321 5.95 9.85 -25.68
CA SER A 321 6.57 10.59 -24.57
C SER A 321 5.62 10.93 -23.44
N GLU A 322 5.61 10.09 -22.41
CA GLU A 322 4.68 10.30 -21.30
C GLU A 322 4.92 11.64 -20.63
N MET A 323 6.18 12.07 -20.57
CA MET A 323 6.51 13.28 -19.83
C MET A 323 5.91 14.51 -20.51
N ASP A 324 6.05 14.56 -21.83
CA ASP A 324 5.51 15.69 -22.58
C ASP A 324 3.99 15.67 -22.58
N ALA A 325 3.39 14.48 -22.58
CA ALA A 325 1.94 14.36 -22.45
C ALA A 325 1.42 15.00 -21.16
N VAL A 326 2.06 14.64 -20.04
CA VAL A 326 1.69 15.19 -18.73
C VAL A 326 1.67 16.71 -18.80
N HIS A 327 2.73 17.27 -19.35
CA HIS A 327 2.89 18.71 -19.38
C HIS A 327 2.02 19.43 -20.40
N LEU A 328 1.73 18.78 -21.52
CA LEU A 328 0.76 19.30 -22.44
C LEU A 328 -0.60 19.36 -21.76
N ALA A 329 -0.89 18.33 -20.97
CA ALA A 329 -2.17 18.28 -20.26
C ALA A 329 -2.23 19.39 -19.21
N ILE A 330 -1.09 19.68 -18.57
CA ILE A 330 -1.05 20.80 -17.64
C ILE A 330 -1.40 22.08 -18.39
N GLY A 331 -0.82 22.25 -19.58
CA GLY A 331 -1.11 23.40 -20.42
C GLY A 331 -2.58 23.57 -20.81
N LEU A 332 -3.21 22.51 -21.29
CA LEU A 332 -4.62 22.61 -21.71
C LEU A 332 -5.50 22.92 -20.50
N ALA A 333 -5.14 22.33 -19.36
CA ALA A 333 -5.88 22.52 -18.11
C ALA A 333 -5.80 23.96 -17.67
N SER A 334 -4.61 24.54 -17.78
CA SER A 334 -4.43 25.92 -17.35
C SER A 334 -5.18 26.84 -18.29
N LEU A 335 -5.59 26.29 -19.43
CA LEU A 335 -6.41 27.00 -20.42
C LEU A 335 -7.89 26.65 -20.30
N LYS A 336 -8.21 25.76 -19.38
CA LYS A 336 -9.60 25.42 -19.10
C LYS A 336 -10.23 24.63 -20.25
N LEU A 337 -9.59 23.52 -20.61
CA LEU A 337 -10.04 22.71 -21.73
C LEU A 337 -9.18 21.48 -21.91
N ARG A 355 -9.69 13.02 -15.50
CA ARG A 355 -8.51 12.18 -15.65
C ARG A 355 -7.23 12.99 -15.49
N PHE A 356 -7.38 14.30 -15.28
CA PHE A 356 -6.25 15.15 -14.97
C PHE A 356 -5.57 14.72 -13.67
N ALA A 357 -6.36 14.62 -12.60
CA ALA A 357 -5.83 14.21 -11.31
C ALA A 357 -5.08 12.90 -11.44
N ASN A 358 -5.61 12.04 -12.30
CA ASN A 358 -5.04 10.73 -12.53
C ASN A 358 -3.78 10.80 -13.39
N ILE A 359 -3.78 11.72 -14.36
CA ILE A 359 -2.59 11.98 -15.17
C ILE A 359 -1.42 12.40 -14.27
N LEU A 360 -1.68 13.29 -13.31
CA LEU A 360 -0.64 13.78 -12.41
C LEU A 360 -0.21 12.77 -11.34
N ALA A 361 -1.17 12.09 -10.74
CA ALA A 361 -0.89 11.05 -9.75
C ALA A 361 0.00 9.97 -10.36
N ASN A 362 -0.29 9.57 -11.59
CA ASN A 362 0.50 8.56 -12.29
C ASN A 362 1.92 8.99 -12.64
N TYR A 363 2.07 10.22 -13.12
CA TYR A 363 3.37 10.75 -13.48
C TYR A 363 4.25 10.84 -12.23
N THR A 364 3.60 10.95 -11.09
CA THR A 364 4.28 11.05 -9.80
C THR A 364 4.94 9.74 -9.37
N LYS A 365 4.35 8.62 -9.77
CA LYS A 365 4.75 7.30 -9.27
C LYS A 365 6.26 7.04 -9.23
N SER A 366 6.99 7.46 -10.25
CA SER A 366 8.42 7.16 -10.36
C SER A 366 9.39 8.05 -9.57
N PHE A 367 8.99 9.28 -9.23
CA PHE A 367 9.88 10.21 -8.50
C PHE A 367 9.28 10.60 -7.15
N ARG A 368 8.26 9.87 -6.75
CA ARG A 368 7.50 10.08 -5.54
C ARG A 368 8.36 9.87 -4.27
N TYR A 369 9.25 8.87 -4.29
CA TYR A 369 10.07 8.55 -3.13
C TYR A 369 11.39 9.28 -3.13
N SER A 370 11.93 9.52 -4.32
CA SER A 370 13.23 10.17 -4.45
C SER A 370 13.09 11.69 -4.48
N ASP A 371 11.88 12.17 -4.76
CA ASP A 371 11.64 13.61 -4.78
C ASP A 371 10.26 13.97 -4.28
N PRO A 372 9.99 13.76 -2.98
CA PRO A 372 8.67 14.08 -2.41
C PRO A 372 8.26 15.54 -2.60
N ARG A 373 9.20 16.48 -2.67
CA ARG A 373 8.86 17.88 -2.93
C ARG A 373 8.34 18.11 -4.35
N VAL A 374 8.88 17.38 -5.32
CA VAL A 374 8.40 17.53 -6.68
C VAL A 374 7.01 16.88 -6.80
N ALA A 375 6.83 15.76 -6.10
CA ALA A 375 5.53 15.12 -6.09
C ALA A 375 4.43 16.09 -5.61
N VAL A 376 4.74 16.86 -4.58
CA VAL A 376 3.76 17.78 -3.99
C VAL A 376 3.42 18.89 -4.97
N GLU A 377 4.41 19.29 -5.75
CA GLU A 377 4.25 20.31 -6.75
C GLU A 377 3.24 19.90 -7.86
N TYR A 378 3.37 18.67 -8.35
CA TYR A 378 2.48 18.19 -9.38
C TYR A 378 1.07 17.88 -8.87
N LEU A 379 0.96 17.45 -7.62
CA LEU A 379 -0.36 17.09 -7.09
C LEU A 379 -1.12 18.37 -6.79
N VAL A 380 -0.38 19.44 -6.53
CA VAL A 380 -1.00 20.71 -6.22
C VAL A 380 -1.66 21.30 -7.47
N LEU A 381 -1.18 20.90 -8.63
CA LEU A 381 -1.80 21.22 -9.90
C LEU A 381 -3.22 20.66 -10.02
N ILE A 382 -3.54 19.63 -9.25
CA ILE A 382 -4.87 19.03 -9.34
C ILE A 382 -5.99 20.04 -9.10
N THR A 383 -5.75 21.02 -8.22
CA THR A 383 -6.76 22.03 -7.90
C THR A 383 -6.79 23.13 -8.97
N LEU A 384 -6.05 22.91 -10.05
CA LEU A 384 -6.11 23.80 -11.20
C LEU A 384 -7.58 23.98 -11.58
N ASN A 385 -8.33 22.89 -11.43
CA ASN A 385 -9.77 22.92 -11.55
C ASN A 385 -10.37 23.01 -10.16
N GLU A 386 -11.29 23.96 -9.96
CA GLU A 386 -11.75 24.28 -8.61
C GLU A 386 -12.97 23.47 -8.15
N GLY A 387 -13.35 22.48 -8.93
CA GLY A 387 -14.46 21.61 -8.57
C GLY A 387 -14.26 20.96 -7.20
N PRO A 388 -15.36 20.80 -6.45
CA PRO A 388 -15.26 20.21 -5.10
C PRO A 388 -14.83 18.75 -5.19
N THR A 389 -15.04 18.12 -6.33
CA THR A 389 -14.66 16.72 -6.50
C THR A 389 -13.15 16.51 -6.59
N ASP A 390 -12.45 17.34 -7.35
CA ASP A 390 -11.01 17.15 -7.56
C ASP A 390 -10.15 17.85 -6.50
N VAL A 391 -10.77 18.63 -5.63
CA VAL A 391 -10.07 19.14 -4.46
C VAL A 391 -9.92 18.00 -3.45
N GLU A 392 -10.93 17.12 -3.40
CA GLU A 392 -10.85 15.91 -2.59
C GLU A 392 -9.83 14.94 -3.19
N LEU A 393 -9.76 14.86 -4.51
CA LEU A 393 -8.73 14.05 -5.13
C LEU A 393 -7.34 14.52 -4.72
N CYS A 394 -7.15 15.85 -4.64
CA CYS A 394 -5.86 16.41 -4.28
C CYS A 394 -5.45 16.08 -2.86
N HIS A 395 -6.34 16.31 -1.91
CA HIS A 395 -6.05 15.98 -0.52
C HIS A 395 -5.78 14.49 -0.35
N GLU A 396 -6.59 13.65 -1.00
CA GLU A 396 -6.41 12.20 -0.91
C GLU A 396 -5.04 11.79 -1.44
N ALA A 397 -4.60 12.46 -2.49
CA ALA A 397 -3.33 12.10 -3.11
C ALA A 397 -2.19 12.53 -2.21
N LEU A 398 -2.40 13.65 -1.52
CA LEU A 398 -1.38 14.20 -0.63
C LEU A 398 -1.31 13.36 0.63
N ARG A 399 -2.46 12.93 1.12
CA ARG A 399 -2.46 12.02 2.25
C ARG A 399 -1.66 10.77 1.91
N GLU A 400 -1.93 10.18 0.75
CA GLU A 400 -1.24 8.97 0.33
C GLU A 400 0.24 9.21 0.02
N LEU A 401 0.61 10.45 -0.25
CA LEU A 401 2.02 10.74 -0.40
C LEU A 401 2.74 10.63 0.95
N VAL A 402 2.22 11.32 1.97
CA VAL A 402 2.88 11.33 3.27
C VAL A 402 2.85 9.95 3.92
N LEU A 403 1.71 9.29 3.90
CA LEU A 403 1.58 7.96 4.48
C LEU A 403 2.55 6.94 3.87
N GLU A 404 2.64 6.93 2.55
CA GLU A 404 3.49 5.95 1.86
C GLU A 404 4.98 6.34 1.73
N THR A 405 5.31 7.62 1.79
CA THR A 405 6.73 7.99 1.71
C THR A 405 7.33 8.30 3.09
N LYS A 406 6.48 8.77 4.00
CA LYS A 406 6.87 9.04 5.37
C LYS A 406 8.00 10.06 5.44
N GLU A 407 8.05 10.93 4.43
CA GLU A 407 8.99 12.03 4.40
C GLU A 407 8.41 13.18 5.20
N PHE A 408 8.21 12.90 6.48
CA PHE A 408 7.50 13.80 7.37
C PHE A 408 8.11 15.18 7.49
N THR A 409 9.41 15.23 7.73
CA THR A 409 10.09 16.51 7.88
C THR A 409 9.83 17.42 6.66
N VAL A 410 10.15 16.92 5.48
CA VAL A 410 9.95 17.63 4.22
C VAL A 410 8.49 18.04 3.96
N LEU A 411 7.58 17.09 4.09
CA LEU A 411 6.14 17.28 3.86
C LEU A 411 5.38 18.06 4.94
N LEU A 412 5.62 17.70 6.20
CA LEU A 412 4.81 18.18 7.32
C LEU A 412 5.55 19.23 8.16
N GLY A 413 6.83 19.41 7.89
CA GLY A 413 7.61 20.43 8.56
C GLY A 413 8.38 19.87 9.74
N LYS A 414 8.88 20.80 10.55
CA LYS A 414 9.72 20.44 11.68
C LYS A 414 9.69 21.62 12.66
N ILE A 415 10.10 21.38 13.91
CA ILE A 415 10.05 22.40 14.94
C ILE A 415 11.43 23.03 15.12
N GLY A 416 11.50 24.36 15.08
CA GLY A 416 12.75 25.06 15.34
C GLY A 416 13.05 25.34 16.81
N ARG A 417 14.27 25.76 17.09
CA ARG A 417 14.70 26.02 18.48
C ARG A 417 13.89 27.07 19.24
N ASP A 418 13.08 27.85 18.53
CA ASP A 418 12.23 28.84 19.18
C ASP A 418 10.84 28.27 19.49
N GLY A 419 10.65 27.01 19.12
CA GLY A 419 9.39 26.34 19.40
C GLY A 419 8.39 26.45 18.27
N ALA A 420 8.73 27.25 17.25
CA ALA A 420 7.81 27.50 16.14
C ALA A 420 8.00 26.49 15.03
N ARG A 421 6.90 26.06 14.45
CA ARG A 421 6.98 25.12 13.34
C ARG A 421 7.58 25.80 12.10
N ILE A 422 8.54 25.12 11.50
CA ILE A 422 9.10 25.49 10.22
C ILE A 422 8.34 24.71 9.15
N PRO A 423 7.45 25.40 8.42
CA PRO A 423 6.54 24.78 7.44
C PRO A 423 7.22 23.75 6.54
N GLY A 424 6.50 22.67 6.23
CA GLY A 424 6.93 21.72 5.22
C GLY A 424 6.40 22.19 3.88
N VAL A 425 6.58 21.38 2.85
CA VAL A 425 6.22 21.77 1.51
C VAL A 425 4.72 21.91 1.32
N ILE A 426 3.95 21.00 1.91
CA ILE A 426 2.51 21.07 1.82
C ILE A 426 1.92 22.32 2.47
N GLU A 427 2.54 22.80 3.54
CA GLU A 427 2.02 23.97 4.21
C GLU A 427 2.32 25.23 3.39
N GLU A 428 3.42 25.20 2.65
CA GLU A 428 3.78 26.29 1.75
C GLU A 428 2.75 26.47 0.62
N ARG A 429 2.25 25.37 0.07
CA ARG A 429 1.26 25.41 -1.01
C ARG A 429 -0.17 25.36 -0.50
N GLN A 430 -0.40 25.74 0.75
CA GLN A 430 -1.74 25.54 1.32
C GLN A 430 -2.81 26.44 0.69
N PRO A 431 -2.46 27.69 0.36
CA PRO A 431 -3.42 28.52 -0.39
C PRO A 431 -4.01 27.78 -1.59
N LEU A 432 -3.17 27.10 -2.37
CA LEU A 432 -3.61 26.39 -3.57
C LEU A 432 -4.42 25.13 -3.28
N LEU A 433 -4.50 24.76 -2.00
CA LEU A 433 -5.11 23.50 -1.59
C LEU A 433 -6.61 23.58 -1.38
N HIS A 434 -7.14 24.80 -1.30
CA HIS A 434 -8.56 25.02 -1.09
C HIS A 434 -9.12 24.22 0.08
N VAL A 435 -8.43 24.29 1.23
CA VAL A 435 -8.84 23.54 2.41
C VAL A 435 -10.02 24.18 3.12
N ARG A 436 -10.76 23.39 3.89
CA ARG A 436 -11.90 23.88 4.65
C ARG A 436 -11.45 24.69 5.88
N ASP A 437 -10.37 24.25 6.52
CA ASP A 437 -9.83 24.92 7.72
C ASP A 437 -8.30 24.94 7.72
N GLU A 438 -7.74 26.14 7.60
CA GLU A 438 -6.30 26.31 7.46
C GLU A 438 -5.53 25.46 8.46
N LYS A 439 -5.96 25.47 9.72
CA LYS A 439 -5.21 24.79 10.76
C LYS A 439 -5.56 23.31 10.95
N GLU A 440 -6.82 22.94 10.70
CA GLU A 440 -7.24 21.55 10.92
C GLU A 440 -6.79 20.55 9.85
N PHE A 441 -6.50 21.00 8.62
CA PHE A 441 -6.07 20.06 7.58
C PHE A 441 -4.74 19.35 7.87
N LEU A 442 -3.70 20.12 8.16
CA LEU A 442 -2.40 19.52 8.46
C LEU A 442 -2.40 18.84 9.81
N HIS A 443 -3.12 19.42 10.77
CA HIS A 443 -3.21 18.84 12.10
C HIS A 443 -3.82 17.44 12.07
N THR A 444 -4.82 17.25 11.23
CA THR A 444 -5.51 15.98 11.16
C THR A 444 -4.63 14.90 10.54
N ILE A 445 -3.96 15.26 9.46
CA ILE A 445 -3.01 14.35 8.83
C ILE A 445 -1.88 13.98 9.79
N THR A 446 -1.37 14.97 10.50
CA THR A 446 -0.25 14.81 11.42
C THR A 446 -0.63 13.91 12.61
N GLU A 447 -1.70 14.25 13.30
CA GLU A 447 -2.21 13.42 14.38
C GLU A 447 -2.36 11.97 13.93
N GLN A 448 -2.94 11.75 12.75
CA GLN A 448 -3.15 10.40 12.21
C GLN A 448 -1.85 9.63 11.96
N ALA A 449 -0.94 10.25 11.21
CA ALA A 449 0.38 9.67 10.99
C ALA A 449 1.11 9.37 12.31
N ALA A 450 0.77 10.12 13.37
CA ALA A 450 1.35 9.92 14.69
C ALA A 450 0.88 8.61 15.34
N ARG A 451 -0.42 8.37 15.34
CA ARG A 451 -0.96 7.13 15.88
C ARG A 451 -0.43 5.92 15.09
N ARG A 452 -0.21 6.12 13.80
CA ARG A 452 0.34 5.08 12.93
C ARG A 452 1.78 4.77 13.28
N ALA A 453 2.57 5.80 13.55
CA ALA A 453 3.98 5.64 13.92
C ALA A 453 4.23 4.88 15.23
N ASP A 454 3.44 5.18 16.27
CA ASP A 454 3.68 4.53 17.54
C ASP A 454 3.11 3.10 17.54
N GLU A 455 2.16 2.84 16.65
CA GLU A 455 1.66 1.48 16.43
C GLU A 455 2.65 0.66 15.61
N ASP A 456 3.39 1.32 14.71
CA ASP A 456 4.41 0.65 13.91
C ASP A 456 5.72 0.48 14.66
N GLY A 457 5.79 1.06 15.86
CA GLY A 457 7.04 1.11 16.61
C GLY A 457 8.08 2.08 16.06
N ARG A 458 7.66 2.98 15.17
CA ARG A 458 8.59 3.99 14.65
C ARG A 458 8.77 5.14 15.67
N ILE A 459 9.70 4.95 16.58
CA ILE A 459 9.84 5.87 17.70
C ILE A 459 10.23 7.28 17.27
N TYR A 460 11.30 7.40 16.50
CA TYR A 460 11.69 8.72 15.99
C TYR A 460 10.57 9.42 15.20
N ASP A 461 9.86 8.68 14.35
CA ASP A 461 8.76 9.29 13.61
C ASP A 461 7.72 9.83 14.61
N SER A 462 7.35 9.01 15.58
CA SER A 462 6.38 9.38 16.58
C SER A 462 6.73 10.69 17.27
N ILE A 463 7.98 10.80 17.70
CA ILE A 463 8.43 11.98 18.43
C ILE A 463 8.30 13.24 17.56
N LEU A 464 8.76 13.12 16.32
CA LEU A 464 8.69 14.19 15.33
C LEU A 464 7.24 14.63 15.06
N LEU A 465 6.36 13.65 14.82
CA LEU A 465 4.93 13.92 14.61
C LEU A 465 4.17 14.49 15.82
N TYR A 466 4.42 13.94 17.01
CA TYR A 466 3.79 14.50 18.20
C TYR A 466 4.31 15.91 18.54
N GLN A 467 5.51 16.25 18.06
CA GLN A 467 5.96 17.64 18.19
C GLN A 467 5.11 18.55 17.32
N LEU A 468 5.00 18.22 16.04
CA LEU A 468 4.18 18.99 15.11
C LEU A 468 2.73 19.07 15.56
N ALA A 469 2.24 18.01 16.21
CA ALA A 469 0.90 18.03 16.81
C ALA A 469 0.81 18.91 18.04
N GLU A 470 1.97 19.38 18.51
CA GLU A 470 2.04 20.11 19.79
C GLU A 470 1.57 19.28 20.98
N GLU A 471 1.81 17.98 20.93
CA GLU A 471 1.48 17.10 22.04
C GLU A 471 2.69 17.00 22.96
N TYR A 472 2.96 18.07 23.70
CA TYR A 472 4.25 18.23 24.39
C TYR A 472 4.54 17.12 25.39
N ASP A 473 3.56 16.83 26.22
CA ASP A 473 3.66 15.75 27.19
C ASP A 473 3.94 14.35 26.64
N ILE A 474 3.27 13.98 25.55
CA ILE A 474 3.52 12.69 24.92
C ILE A 474 4.97 12.63 24.43
N VAL A 475 5.44 13.73 23.85
CA VAL A 475 6.82 13.83 23.39
C VAL A 475 7.81 13.55 24.49
N ILE A 476 7.60 14.15 25.66
CA ILE A 476 8.51 13.94 26.78
C ILE A 476 8.46 12.47 27.20
N THR A 477 7.26 11.92 27.31
CA THR A 477 7.13 10.49 27.65
C THR A 477 7.90 9.59 26.69
N LEU A 478 7.74 9.81 25.40
CA LEU A 478 8.44 9.02 24.38
C LEU A 478 9.96 9.22 24.42
N VAL A 479 10.42 10.44 24.68
CA VAL A 479 11.85 10.69 24.80
C VAL A 479 12.42 10.04 26.06
N ASN A 480 11.64 10.05 27.13
CA ASN A 480 12.07 9.46 28.40
C ASN A 480 12.27 7.97 28.24
N SER A 481 11.38 7.31 27.50
CA SER A 481 11.55 5.90 27.22
C SER A 481 12.75 5.66 26.31
N LEU A 482 12.83 6.43 25.24
CA LEU A 482 13.91 6.23 24.28
C LEU A 482 15.28 6.48 24.95
N LEU A 483 15.36 7.52 25.76
CA LEU A 483 16.64 7.87 26.39
C LEU A 483 16.99 6.88 27.49
N SER A 484 16.00 6.54 28.31
CA SER A 484 16.18 5.53 29.34
C SER A 484 16.72 4.22 28.75
N ASP A 485 16.13 3.79 27.63
CA ASP A 485 16.53 2.56 26.94
C ASP A 485 17.96 2.62 26.38
N THR A 486 18.33 3.76 25.81
CA THR A 486 19.67 3.95 25.28
C THR A 486 20.73 3.88 26.39
N LEU A 487 20.47 4.55 27.50
CA LEU A 487 21.40 4.50 28.63
C LEU A 487 21.61 3.08 29.14
N SER A 488 20.52 2.37 29.42
CA SER A 488 20.65 1.04 30.05
C SER A 488 21.24 -0.01 29.12
N ALA A 489 21.15 0.22 27.82
CA ALA A 489 21.54 -0.80 26.84
C ALA A 489 22.90 -0.55 26.19
N SER A 490 23.43 0.64 26.35
CA SER A 490 24.77 0.97 25.88
C SER A 490 25.80 0.58 26.95
N ASP A 491 27.02 0.27 26.52
CA ASP A 491 28.06 -0.08 27.48
C ASP A 491 28.73 1.17 28.01
N LEU A 492 29.16 1.11 29.26
CA LEU A 492 29.75 2.27 29.91
C LEU A 492 31.07 2.65 29.25
N ASP A 493 31.70 1.67 28.60
CA ASP A 493 33.01 1.86 27.97
C ASP A 493 32.89 2.68 26.69
N GLN A 494 31.71 2.67 26.10
CA GLN A 494 31.49 3.35 24.83
C GLN A 494 30.77 4.70 24.98
N PRO A 495 31.31 5.74 24.34
CA PRO A 495 30.78 7.10 24.34
C PRO A 495 29.30 7.11 23.95
N LEU A 496 28.51 7.91 24.66
CA LEU A 496 27.08 8.04 24.33
C LEU A 496 26.85 8.72 22.99
N VAL A 497 27.78 9.60 22.62
CA VAL A 497 27.61 10.53 21.52
C VAL A 497 28.89 10.69 20.72
N GLY A 498 28.85 10.35 19.44
CA GLY A 498 30.01 10.51 18.57
C GLY A 498 30.09 11.89 17.94
N PRO A 499 31.11 12.10 17.11
CA PRO A 499 31.21 13.34 16.33
C PRO A 499 30.14 13.45 15.21
N ASP A 500 29.65 12.32 14.72
CA ASP A 500 28.69 12.32 13.62
C ASP A 500 27.24 12.45 14.10
N ASP A 501 27.00 12.12 15.36
CA ASP A 501 25.66 12.08 15.91
C ASP A 501 24.92 13.42 15.90
N ASN A 502 23.62 13.38 15.68
CA ASN A 502 22.81 14.59 15.69
C ASN A 502 21.51 14.44 16.49
N SER A 503 20.86 15.57 16.75
CA SER A 503 19.60 15.61 17.48
C SER A 503 18.50 14.77 16.83
N GLU A 504 18.62 14.51 15.53
CA GLU A 504 17.60 13.70 14.86
C GLU A 504 17.78 12.21 15.12
N THR A 505 19.01 11.78 15.34
CA THR A 505 19.27 10.36 15.44
C THR A 505 19.78 9.88 16.82
N ASN A 506 20.46 10.77 17.55
CA ASN A 506 20.97 10.40 18.87
C ASN A 506 20.00 10.79 19.98
N PRO A 507 19.57 9.81 20.79
CA PRO A 507 18.59 10.00 21.89
C PRO A 507 19.08 11.02 22.93
N VAL A 508 20.36 11.02 23.27
CA VAL A 508 20.90 12.06 24.16
C VAL A 508 20.80 13.45 23.54
N LEU A 509 21.30 13.60 22.32
CA LEU A 509 21.18 14.90 21.63
C LEU A 509 19.71 15.30 21.43
N LEU A 510 18.87 14.33 21.09
CA LEU A 510 17.46 14.61 20.86
C LEU A 510 16.80 15.14 22.14
N ALA A 511 17.08 14.48 23.25
CA ALA A 511 16.48 14.85 24.53
C ALA A 511 16.94 16.21 24.98
N ARG A 512 18.21 16.53 24.72
CA ARG A 512 18.73 17.85 25.06
C ARG A 512 18.04 18.94 24.28
N ARG A 513 17.84 18.68 22.99
CA ARG A 513 17.08 19.60 22.16
C ARG A 513 15.65 19.82 22.66
N MET A 514 14.94 18.74 23.01
CA MET A 514 13.58 18.89 23.54
C MET A 514 13.55 19.68 24.84
N ALA A 515 14.45 19.35 25.76
CA ALA A 515 14.54 20.08 27.03
C ALA A 515 14.70 21.57 26.80
N SER A 516 15.64 21.93 25.93
CA SER A 516 15.99 23.33 25.70
C SER A 516 14.95 24.13 24.91
N ILE A 517 14.12 23.43 24.14
CA ILE A 517 13.01 24.06 23.42
C ILE A 517 11.77 24.18 24.31
N TYR A 518 11.51 23.15 25.13
CA TYR A 518 10.27 23.10 25.91
C TYR A 518 10.37 23.50 27.40
N PHE A 519 11.46 23.14 28.08
CA PHE A 519 11.50 23.37 29.52
C PHE A 519 11.69 24.84 29.89
N ASP A 520 12.35 25.59 29.01
CA ASP A 520 12.60 27.00 29.28
C ASP A 520 11.55 27.90 28.63
N ASN A 521 10.52 27.27 28.06
CA ASN A 521 9.42 27.98 27.46
C ASN A 521 8.19 27.80 28.32
N ALA A 522 7.89 28.79 29.15
CA ALA A 522 6.78 28.69 30.12
C ALA A 522 5.46 28.24 29.50
N GLY A 523 5.14 28.75 28.32
CA GLY A 523 3.89 28.40 27.67
C GLY A 523 3.77 26.91 27.35
N ILE A 524 4.91 26.30 27.06
CA ILE A 524 4.92 24.89 26.69
C ILE A 524 5.11 24.00 27.90
N SER A 525 6.04 24.38 28.79
CA SER A 525 6.33 23.61 29.99
C SER A 525 5.09 23.32 30.86
N ARG A 526 4.18 24.27 30.98
CA ARG A 526 2.97 24.05 31.77
C ARG A 526 2.10 22.92 31.20
N GLN A 527 2.26 22.63 29.91
CA GLN A 527 1.48 21.56 29.26
C GLN A 527 2.11 20.20 29.54
N ILE A 528 3.26 20.20 30.19
CA ILE A 528 3.97 18.97 30.48
C ILE A 528 3.78 18.61 31.95
N HIS A 529 3.64 17.32 32.23
CA HIS A 529 3.43 16.87 33.60
C HIS A 529 4.74 17.01 34.35
N VAL A 530 4.70 17.68 35.49
CA VAL A 530 5.90 17.96 36.27
C VAL A 530 6.78 16.71 36.54
N LYS A 531 6.14 15.55 36.67
CA LYS A 531 6.86 14.29 36.83
C LYS A 531 7.64 13.85 35.59
N ASN A 532 7.05 14.03 34.40
CA ASN A 532 7.73 13.75 33.15
C ASN A 532 8.94 14.64 32.99
N LYS A 533 8.74 15.92 33.30
CA LYS A 533 9.82 16.89 33.24
C LYS A 533 10.94 16.53 34.21
N GLU A 534 10.57 16.05 35.40
CA GLU A 534 11.52 15.57 36.40
C GLU A 534 12.37 14.41 35.87
N ILE A 535 11.69 13.38 35.38
CA ILE A 535 12.37 12.20 34.86
C ILE A 535 13.34 12.56 33.74
N CYS A 536 12.90 13.46 32.87
CA CYS A 536 13.71 13.87 31.74
C CYS A 536 14.99 14.56 32.22
N MET A 537 14.83 15.56 33.09
CA MET A 537 16.02 16.21 33.67
C MET A 537 16.94 15.18 34.30
N LEU A 538 16.37 14.25 35.03
CA LEU A 538 17.18 13.21 35.66
C LEU A 538 17.99 12.46 34.59
N LEU A 539 17.30 11.94 33.57
CA LEU A 539 17.95 11.23 32.47
C LEU A 539 19.04 12.06 31.78
N LEU A 540 18.79 13.35 31.57
CA LEU A 540 19.86 14.26 31.10
C LEU A 540 21.06 14.35 32.07
N ASN A 541 20.78 14.54 33.36
CA ASN A 541 21.84 14.54 34.38
C ASN A 541 22.67 13.26 34.30
N ILE A 542 21.97 12.14 34.15
CA ILE A 542 22.59 10.83 34.07
C ILE A 542 23.45 10.69 32.80
N SER A 543 23.02 11.33 31.74
CA SER A 543 23.79 11.26 30.51
C SER A 543 25.06 12.09 30.64
N SER A 544 24.96 13.23 31.33
CA SER A 544 26.13 14.03 31.75
C SER A 544 27.09 13.21 32.62
N ILE A 545 26.53 12.54 33.64
CA ILE A 545 27.32 11.68 34.51
C ILE A 545 28.09 10.63 33.71
N ARG A 546 27.42 10.07 32.70
CA ARG A 546 28.01 9.09 31.80
C ARG A 546 29.22 9.59 31.01
N GLU A 547 29.14 10.82 30.50
CA GLU A 547 30.25 11.38 29.74
C GLU A 547 31.45 11.71 30.65
N LEU A 548 31.17 12.22 31.85
CA LEU A 548 32.21 12.35 32.87
C LEU A 548 32.89 11.01 33.12
N TYR A 549 32.08 9.98 33.33
CA TYR A 549 32.60 8.67 33.69
C TYR A 549 33.51 8.10 32.62
N PHE A 550 33.11 8.29 31.36
CA PHE A 550 33.89 7.79 30.25
C PHE A 550 35.25 8.50 30.16
N ASN A 551 35.27 9.78 30.49
CA ASN A 551 36.52 10.52 30.43
C ASN A 551 37.30 10.40 31.72
N LYS A 552 36.83 9.55 32.62
CA LYS A 552 37.57 9.18 33.81
C LYS A 552 37.66 10.31 34.83
N GLN A 553 36.63 11.16 34.85
CA GLN A 553 36.55 12.21 35.86
C GLN A 553 35.84 11.72 37.13
N TRP A 554 36.52 10.84 37.85
CA TRP A 554 35.91 10.07 38.95
C TRP A 554 35.22 10.90 40.01
N GLN A 555 35.87 11.98 40.44
CA GLN A 555 35.35 12.76 41.55
C GLN A 555 34.16 13.61 41.12
N GLU A 556 34.26 14.27 39.96
CA GLU A 556 33.15 15.08 39.48
C GLU A 556 31.95 14.17 39.19
N THR A 557 32.23 12.99 38.63
CA THR A 557 31.18 11.99 38.45
C THR A 557 30.50 11.76 39.81
N LEU A 558 31.28 11.47 40.86
CA LEU A 558 30.70 11.22 42.18
C LEU A 558 29.81 12.33 42.71
N SER A 559 30.27 13.57 42.68
CA SER A 559 29.45 14.66 43.23
C SER A 559 28.19 14.90 42.41
N GLN A 560 28.29 14.70 41.08
CA GLN A 560 27.10 14.72 40.20
C GLN A 560 26.18 13.54 40.51
N MET A 561 26.78 12.37 40.69
CA MET A 561 26.02 11.19 41.09
C MET A 561 25.26 11.45 42.40
N GLU A 562 25.91 12.11 43.34
CA GLU A 562 25.31 12.38 44.65
C GLU A 562 24.12 13.35 44.59
N LEU A 563 24.19 14.36 43.71
CA LEU A 563 23.08 15.29 43.51
C LEU A 563 21.84 14.65 42.88
N LEU A 564 21.98 13.41 42.39
CA LEU A 564 20.85 12.69 41.79
C LEU A 564 19.76 12.39 42.81
N ASP A 565 20.17 12.23 44.07
CA ASP A 565 19.31 11.83 45.16
C ASP A 565 18.62 10.48 44.89
N LEU A 566 19.40 9.53 44.40
CA LEU A 566 18.87 8.24 44.01
C LEU A 566 19.55 7.15 44.81
N LEU A 567 20.89 7.23 44.89
CA LEU A 567 21.69 6.25 45.60
C LEU A 567 21.95 6.68 47.03
N PRO A 568 22.22 5.71 47.90
CA PRO A 568 22.55 5.99 49.30
C PRO A 568 23.97 6.51 49.46
N PHE A 569 24.15 7.82 49.29
CA PHE A 569 25.21 8.54 49.99
C PHE A 569 24.77 8.93 51.39
N ALA A 575 20.12 4.37 53.15
CA ALA A 575 20.12 3.20 52.28
C ALA A 575 18.78 2.48 52.31
N ARG A 576 18.47 1.84 53.44
CA ARG A 576 17.26 1.03 53.55
C ARG A 576 16.04 1.81 53.10
N LYS A 577 15.99 3.09 53.46
CA LYS A 577 14.89 3.96 53.06
C LYS A 577 14.73 3.95 51.55
N LYS A 578 15.84 4.12 50.84
CA LYS A 578 15.81 4.22 49.38
C LYS A 578 15.60 2.89 48.66
N ALA A 579 16.05 1.79 49.27
CA ALA A 579 15.77 0.49 48.68
C ALA A 579 14.28 0.21 48.79
N GLN A 580 13.66 0.77 49.83
CA GLN A 580 12.22 0.60 50.03
C GLN A 580 11.46 1.45 49.02
N ASP A 581 12.00 2.63 48.72
CA ASP A 581 11.43 3.50 47.71
C ASP A 581 11.64 2.96 46.30
N PHE A 582 12.56 2.01 46.15
CA PHE A 582 12.92 1.50 44.82
C PHE A 582 11.70 1.07 44.02
N SER A 583 10.68 0.60 44.74
CA SER A 583 9.45 0.14 44.11
C SER A 583 8.62 1.30 43.56
N ASN A 584 8.85 2.50 44.08
CA ASN A 584 8.09 3.68 43.69
C ASN A 584 8.79 4.51 42.61
N LEU A 585 10.01 4.13 42.24
CA LEU A 585 10.70 4.81 41.15
C LEU A 585 9.92 4.61 39.86
N ASP A 586 10.01 5.61 38.98
CA ASP A 586 9.46 5.50 37.64
C ASP A 586 10.11 4.32 36.96
N ASP A 587 9.40 3.66 36.06
CA ASP A 587 9.93 2.49 35.36
C ASP A 587 11.15 2.82 34.51
N ASN A 588 11.22 4.07 34.06
CA ASN A 588 12.34 4.53 33.25
C ASN A 588 13.62 4.70 34.06
N ILE A 589 13.48 5.13 35.31
CA ILE A 589 14.65 5.28 36.15
C ILE A 589 15.24 3.94 36.62
N VAL A 590 14.38 3.00 37.04
CA VAL A 590 14.86 1.75 37.66
C VAL A 590 15.81 0.93 36.76
N LYS A 591 15.64 1.00 35.44
CA LYS A 591 16.54 0.25 34.56
C LYS A 591 17.91 0.91 34.45
N ASN A 592 18.03 2.12 34.98
CA ASN A 592 19.30 2.84 34.98
C ASN A 592 20.11 2.70 36.29
N ILE A 593 19.43 2.36 37.37
CA ILE A 593 20.09 2.18 38.66
C ILE A 593 21.26 1.17 38.63
N PRO A 594 21.09 0.01 38.00
CA PRO A 594 22.24 -0.90 38.04
C PRO A 594 23.54 -0.29 37.50
N ASN A 595 23.49 0.40 36.37
CA ASN A 595 24.65 1.13 35.85
C ASN A 595 25.12 2.27 36.75
N LEU A 596 24.16 2.99 37.34
CA LEU A 596 24.50 4.02 38.32
C LEU A 596 25.37 3.46 39.44
N LEU A 597 24.98 2.30 39.97
CA LEU A 597 25.75 1.67 41.03
C LEU A 597 27.13 1.25 40.53
N ILE A 598 27.21 0.77 39.30
CA ILE A 598 28.50 0.32 38.77
C ILE A 598 29.45 1.48 38.50
N ILE A 599 28.88 2.63 38.17
CA ILE A 599 29.67 3.83 37.98
C ILE A 599 30.12 4.36 39.32
N THR A 600 29.18 4.42 40.27
CA THR A 600 29.46 4.90 41.60
C THR A 600 30.56 4.10 42.27
N LEU A 601 30.41 2.78 42.26
CA LEU A 601 31.36 1.91 42.94
C LEU A 601 32.71 1.92 42.25
N SER A 602 32.69 2.15 40.94
CA SER A 602 33.93 2.11 40.16
C SER A 602 34.69 3.44 40.22
N CYS A 603 33.97 4.53 40.44
CA CYS A 603 34.63 5.81 40.69
C CYS A 603 35.30 5.80 42.06
N ILE A 604 34.70 5.08 43.00
CA ILE A 604 35.19 5.00 44.36
C ILE A 604 36.47 4.19 44.34
N SER A 605 36.46 3.06 43.66
CA SER A 605 37.67 2.25 43.56
C SER A 605 38.82 3.04 42.96
N ASN A 606 38.51 3.91 42.02
CA ASN A 606 39.55 4.67 41.34
C ASN A 606 40.14 5.80 42.20
N MET A 607 39.28 6.51 42.92
CA MET A 607 39.69 7.60 43.81
C MET A 607 40.53 7.05 44.96
N ILE A 608 40.09 5.94 45.53
CA ILE A 608 40.81 5.32 46.61
C ILE A 608 42.22 4.97 46.18
N HIS A 609 42.35 4.46 44.96
CA HIS A 609 43.66 4.10 44.41
C HIS A 609 44.54 5.33 44.23
N ILE A 610 43.92 6.42 43.81
CA ILE A 610 44.65 7.67 43.61
C ILE A 610 45.14 8.21 44.95
N LEU A 611 44.31 8.03 45.99
CA LEU A 611 44.58 8.56 47.32
C LEU A 611 45.62 7.72 48.05
N ASN A 612 45.76 6.47 47.63
CA ASN A 612 46.77 5.59 48.20
C ASN A 612 48.16 5.75 47.60
N GLU A 613 48.25 6.35 46.42
CA GLU A 613 49.57 6.60 45.84
C GLU A 613 50.43 7.35 46.85
N SER A 614 51.74 7.09 46.81
CA SER A 614 52.67 7.79 47.69
C SER A 614 52.71 9.29 47.41
N LYS A 615 52.73 9.64 46.12
CA LYS A 615 52.79 11.03 45.69
C LYS A 615 51.62 11.81 46.27
N TYR A 616 50.62 11.11 46.81
CA TYR A 616 49.45 11.82 47.30
C TYR A 616 49.65 12.35 48.71
N GLN A 617 49.86 13.65 48.83
CA GLN A 617 50.06 14.25 50.15
C GLN A 617 48.89 15.15 50.54
N SER A 618 48.09 14.67 51.48
CA SER A 618 47.03 15.48 52.04
C SER A 618 46.86 15.09 53.50
N SER A 619 46.52 16.06 54.34
CA SER A 619 46.30 15.78 55.74
C SER A 619 44.93 15.13 55.97
N THR A 620 44.05 15.19 54.98
CA THR A 620 42.75 14.52 55.11
C THR A 620 42.62 13.28 54.22
N LYS A 621 43.75 12.85 53.66
CA LYS A 621 43.84 11.59 52.94
C LYS A 621 42.92 10.53 53.55
N GLY A 622 43.18 10.20 54.81
CA GLY A 622 42.47 9.13 55.47
C GLY A 622 40.98 9.33 55.66
N GLN A 623 40.56 10.56 55.95
CA GLN A 623 39.13 10.78 56.13
C GLN A 623 38.39 10.73 54.77
N GLN A 624 39.12 10.99 53.69
CA GLN A 624 38.53 10.90 52.36
C GLN A 624 38.31 9.42 52.00
N ILE A 625 39.35 8.61 52.19
CA ILE A 625 39.24 7.17 51.92
C ILE A 625 38.05 6.63 52.69
N ASP A 626 38.03 6.87 53.98
CA ASP A 626 36.98 6.32 54.83
C ASP A 626 35.60 6.70 54.30
N SER A 627 35.46 7.98 54.00
CA SER A 627 34.20 8.55 53.52
C SER A 627 33.76 7.92 52.20
N LEU A 628 34.72 7.54 51.37
CA LEU A 628 34.44 6.87 50.10
C LEU A 628 34.02 5.44 50.38
N LYS A 629 34.68 4.82 51.36
CA LYS A 629 34.36 3.44 51.73
C LYS A 629 32.99 3.35 52.36
N ASN A 630 32.57 4.43 53.02
CA ASN A 630 31.21 4.48 53.55
C ASN A 630 30.15 4.44 52.45
N VAL A 631 30.30 5.30 51.44
CA VAL A 631 29.38 5.34 50.31
C VAL A 631 29.29 3.96 49.63
N ALA A 632 30.44 3.40 49.28
CA ALA A 632 30.55 2.04 48.74
C ALA A 632 29.80 1.02 49.57
N ARG A 633 29.96 1.13 50.89
CA ARG A 633 29.42 0.14 51.80
C ARG A 633 27.91 0.22 51.79
N GLN A 634 27.38 1.44 51.84
CA GLN A 634 25.95 1.66 51.81
C GLN A 634 25.31 1.34 50.45
N CYS A 635 26.07 1.51 49.37
CA CYS A 635 25.57 1.16 48.05
C CYS A 635 25.44 -0.34 47.99
N MET A 636 26.37 -1.03 48.64
CA MET A 636 26.38 -2.49 48.65
C MET A 636 25.17 -3.07 49.36
N ILE A 637 24.79 -2.51 50.51
CA ILE A 637 23.61 -3.06 51.18
C ILE A 637 22.37 -2.74 50.36
N TYR A 638 22.31 -1.51 49.86
CA TYR A 638 21.26 -1.09 48.95
C TYR A 638 21.19 -2.05 47.75
N ALA A 639 22.33 -2.27 47.11
CA ALA A 639 22.42 -3.18 45.98
C ALA A 639 21.84 -4.56 46.32
N GLY A 640 22.17 -5.07 47.50
CA GLY A 640 21.79 -6.41 47.90
C GLY A 640 20.30 -6.57 48.13
N MET A 641 19.67 -5.55 48.69
CA MET A 641 18.23 -5.52 48.87
C MET A 641 17.45 -5.43 47.52
N ILE A 642 18.10 -4.94 46.48
CA ILE A 642 17.47 -4.86 45.17
C ILE A 642 18.14 -5.76 44.14
N GLN A 643 18.86 -6.78 44.61
CA GLN A 643 19.68 -7.58 43.71
C GLN A 643 18.92 -8.38 42.63
N TYR A 644 17.68 -8.76 42.89
CA TYR A 644 16.95 -9.55 41.88
C TYR A 644 16.11 -8.64 40.99
N ARG A 645 16.36 -7.35 41.09
CA ARG A 645 15.68 -6.39 40.23
C ARG A 645 16.70 -5.71 39.30
N MET A 646 17.72 -6.48 38.95
CA MET A 646 18.72 -6.12 37.94
C MET A 646 19.26 -7.48 37.54
N PRO A 647 19.86 -7.59 36.34
CA PRO A 647 20.33 -8.91 35.90
C PRO A 647 21.41 -9.45 36.84
N ARG A 648 21.45 -10.77 37.05
CA ARG A 648 22.48 -11.32 37.92
C ARG A 648 23.84 -10.90 37.36
N GLU A 649 23.93 -10.90 36.03
CA GLU A 649 25.17 -10.57 35.34
C GLU A 649 25.77 -9.26 35.82
N THR A 650 24.93 -8.25 36.01
CA THR A 650 25.44 -6.94 36.41
C THR A 650 25.63 -6.87 37.93
N TYR A 651 24.75 -7.53 38.68
CA TYR A 651 24.93 -7.55 40.13
C TYR A 651 26.23 -8.26 40.48
N SER A 652 26.67 -9.14 39.61
CA SER A 652 27.87 -9.91 39.88
C SER A 652 29.14 -9.11 39.57
N THR A 653 29.11 -8.33 38.49
CA THR A 653 30.28 -7.53 38.14
C THR A 653 30.40 -6.41 39.14
N LEU A 654 29.28 -6.13 39.81
CA LEU A 654 29.22 -5.07 40.80
C LEU A 654 29.71 -5.56 42.15
N ILE A 655 29.44 -6.83 42.45
CA ILE A 655 29.88 -7.41 43.70
C ILE A 655 31.39 -7.62 43.64
N ASN A 656 31.88 -8.01 42.47
CA ASN A 656 33.30 -8.32 42.28
C ASN A 656 34.08 -7.09 41.87
N ILE A 657 34.15 -6.12 42.77
CA ILE A 657 34.72 -4.82 42.47
C ILE A 657 35.34 -4.20 43.73
N LEU B 22 10.68 -14.01 8.82
CA LEU B 22 10.12 -15.36 8.60
C LEU B 22 9.33 -15.45 7.31
N ASN B 23 9.76 -16.36 6.44
CA ASN B 23 9.04 -16.63 5.23
C ASN B 23 8.61 -18.09 5.18
N VAL B 24 7.33 -18.32 5.42
CA VAL B 24 6.71 -19.64 5.37
C VAL B 24 6.94 -20.39 4.04
N ASN B 25 7.21 -19.64 2.96
CA ASN B 25 7.44 -20.26 1.65
C ASN B 25 8.91 -20.42 1.27
N GLU B 26 9.80 -20.05 2.19
CA GLU B 26 11.24 -20.07 1.94
C GLU B 26 11.77 -21.46 1.59
N ASN B 27 11.23 -22.50 2.22
CA ASN B 27 11.63 -23.87 1.92
C ASN B 27 10.56 -24.90 2.27
N ASN B 28 10.72 -26.13 1.78
CA ASN B 28 9.72 -27.18 1.96
C ASN B 28 9.46 -27.60 3.41
N ILE B 29 10.49 -27.49 4.25
CA ILE B 29 10.42 -27.85 5.66
C ILE B 29 9.55 -26.87 6.45
N LEU B 30 9.77 -25.58 6.22
CA LEU B 30 8.99 -24.51 6.81
C LEU B 30 7.54 -24.52 6.28
N ARG B 31 7.39 -24.69 4.97
CA ARG B 31 6.07 -24.71 4.35
C ARG B 31 5.16 -25.79 4.94
N GLU B 32 5.67 -27.01 5.08
CA GLU B 32 4.89 -28.13 5.60
C GLU B 32 4.47 -27.92 7.07
N LYS B 33 5.36 -27.34 7.84
CA LYS B 33 5.05 -27.08 9.23
C LYS B 33 3.92 -26.07 9.28
N PHE B 34 3.98 -25.11 8.36
CA PHE B 34 2.97 -24.06 8.25
C PHE B 34 1.57 -24.62 7.96
N GLU B 35 1.52 -25.62 7.09
CA GLU B 35 0.25 -26.26 6.76
C GLU B 35 -0.30 -27.04 7.95
N ASN B 36 0.56 -27.80 8.61
CA ASN B 36 0.15 -28.59 9.78
C ASN B 36 -0.48 -27.75 10.87
N TYR B 37 0.15 -26.61 11.15
CA TYR B 37 -0.37 -25.67 12.13
C TYR B 37 -1.63 -24.96 11.63
N ALA B 38 -1.69 -24.64 10.34
CA ALA B 38 -2.91 -24.07 9.76
C ALA B 38 -4.12 -25.00 9.91
N ARG B 39 -3.92 -26.28 9.59
CA ARG B 39 -4.96 -27.29 9.77
C ARG B 39 -5.58 -27.23 11.16
N ILE B 40 -4.72 -27.19 12.18
CA ILE B 40 -5.17 -27.10 13.56
C ILE B 40 -5.99 -25.85 13.83
N VAL B 41 -5.52 -24.73 13.30
CA VAL B 41 -6.25 -23.48 13.48
C VAL B 41 -7.60 -23.56 12.76
N PHE B 42 -7.60 -24.13 11.55
CA PHE B 42 -8.86 -24.38 10.85
C PHE B 42 -9.84 -25.12 11.78
N GLN B 43 -9.41 -26.27 12.30
CA GLN B 43 -10.26 -27.04 13.21
C GLN B 43 -10.66 -26.27 14.46
N PHE B 44 -9.77 -25.41 14.97
CA PHE B 44 -10.06 -24.61 16.15
C PHE B 44 -11.14 -23.55 15.91
N ASN B 45 -11.09 -22.90 14.75
CA ASN B 45 -12.14 -21.96 14.38
C ASN B 45 -13.47 -22.66 14.19
N ASN B 46 -13.44 -23.82 13.54
CA ASN B 46 -14.62 -24.68 13.40
C ASN B 46 -15.31 -24.95 14.75
N SER B 47 -14.51 -25.34 15.73
CA SER B 47 -15.03 -25.63 17.07
C SER B 47 -15.61 -24.39 17.73
N ARG B 48 -14.99 -23.23 17.51
CA ARG B 48 -15.53 -21.96 18.00
C ARG B 48 -16.94 -21.70 17.48
N GLN B 49 -17.18 -22.04 16.22
CA GLN B 49 -18.47 -21.79 15.58
C GLN B 49 -19.54 -22.82 15.92
N ALA B 50 -19.18 -24.09 15.84
CA ALA B 50 -20.08 -25.15 16.26
C ALA B 50 -20.34 -25.00 17.74
N ASN B 51 -19.52 -24.16 18.38
CA ASN B 51 -19.71 -23.82 19.78
C ASN B 51 -19.29 -24.95 20.72
N GLY B 52 -18.95 -26.09 20.13
CA GLY B 52 -18.59 -27.27 20.90
C GLY B 52 -17.21 -27.19 21.52
N ASN B 53 -16.61 -28.36 21.72
CA ASN B 53 -15.32 -28.45 22.37
C ASN B 53 -14.16 -28.61 21.39
N PHE B 54 -12.96 -28.30 21.87
CA PHE B 54 -11.73 -28.52 21.11
C PHE B 54 -10.56 -28.34 22.05
N ASP B 55 -9.49 -29.08 21.78
CA ASP B 55 -8.32 -29.10 22.66
C ASP B 55 -7.07 -28.71 21.90
N ILE B 56 -6.82 -27.42 21.75
CA ILE B 56 -5.64 -26.95 21.00
C ILE B 56 -4.34 -27.62 21.47
N ALA B 57 -4.10 -27.62 22.77
CA ALA B 57 -2.86 -28.18 23.32
C ALA B 57 -2.65 -29.62 22.89
N ASN B 58 -3.71 -30.41 22.97
CA ASN B 58 -3.60 -31.82 22.63
C ASN B 58 -3.14 -31.98 21.19
N GLU B 59 -3.72 -31.15 20.32
CA GLU B 59 -3.41 -31.17 18.91
C GLU B 59 -1.94 -30.90 18.64
N PHE B 60 -1.40 -29.86 19.28
CA PHE B 60 0.01 -29.52 19.14
C PHE B 60 0.91 -30.55 19.81
N ILE B 61 0.43 -31.11 20.92
CA ILE B 61 1.14 -32.20 21.56
C ILE B 61 1.27 -33.36 20.58
N SER B 62 0.15 -33.69 19.93
CA SER B 62 0.17 -34.71 18.89
C SER B 62 1.19 -34.45 17.76
N ILE B 63 1.19 -33.24 17.20
CA ILE B 63 2.08 -32.89 16.09
C ILE B 63 3.54 -32.80 16.48
N LEU B 64 3.79 -32.35 17.72
CA LEU B 64 5.15 -32.17 18.22
C LEU B 64 5.76 -33.44 18.80
N SER B 65 4.91 -34.39 19.19
CA SER B 65 5.41 -35.59 19.85
C SER B 65 6.24 -36.43 18.88
N SER B 66 6.02 -36.24 17.59
CA SER B 66 6.74 -36.97 16.55
C SER B 66 7.71 -36.08 15.77
N ALA B 67 8.34 -35.14 16.47
CA ALA B 67 9.40 -34.32 15.89
C ALA B 67 10.64 -34.40 16.77
N ASN B 68 11.81 -34.29 16.15
CA ASN B 68 13.07 -34.44 16.88
C ASN B 68 13.88 -33.15 17.02
N GLY B 69 14.46 -32.96 18.19
CA GLY B 69 15.29 -31.79 18.48
C GLY B 69 15.02 -31.20 19.85
N THR B 70 16.07 -30.63 20.46
CA THR B 70 15.93 -30.08 21.81
C THR B 70 14.84 -29.02 21.92
N ARG B 71 14.72 -28.16 20.91
CA ARG B 71 13.67 -27.14 20.91
C ARG B 71 12.27 -27.76 20.84
N ASN B 72 12.15 -28.85 20.09
CA ASN B 72 10.87 -29.53 19.96
C ASN B 72 10.45 -30.23 21.25
N ALA B 73 11.42 -30.86 21.90
CA ALA B 73 11.21 -31.44 23.22
C ALA B 73 10.74 -30.33 24.16
N GLN B 74 11.39 -29.18 24.06
CA GLN B 74 11.04 -28.05 24.91
C GLN B 74 9.62 -27.55 24.61
N LEU B 75 9.30 -27.38 23.33
CA LEU B 75 7.94 -26.97 22.94
C LEU B 75 6.87 -28.00 23.31
N LEU B 76 7.14 -29.28 23.03
CA LEU B 76 6.23 -30.34 23.48
C LEU B 76 5.90 -30.24 24.98
N GLU B 77 6.91 -30.06 25.81
CA GLU B 77 6.63 -30.01 27.25
C GLU B 77 5.82 -28.78 27.65
N SER B 78 6.03 -27.66 26.96
CA SER B 78 5.28 -26.42 27.19
C SER B 78 3.79 -26.55 26.84
N TRP B 79 3.48 -27.22 25.74
CA TRP B 79 2.09 -27.48 25.42
C TRP B 79 1.43 -28.35 26.50
N LYS B 80 2.15 -29.36 26.99
CA LYS B 80 1.72 -30.14 28.16
C LYS B 80 1.46 -29.29 29.39
N ILE B 81 2.35 -28.34 29.68
CA ILE B 81 2.10 -27.41 30.78
C ILE B 81 0.81 -26.63 30.54
N LEU B 82 0.60 -26.21 29.29
CA LEU B 82 -0.65 -25.54 28.94
C LEU B 82 -1.84 -26.50 29.01
N GLU B 83 -1.68 -27.68 28.43
CA GLU B 83 -2.76 -28.66 28.42
C GLU B 83 -3.19 -29.04 29.82
N SER B 84 -2.22 -29.10 30.72
CA SER B 84 -2.44 -29.49 32.10
C SER B 84 -3.13 -28.40 32.89
N MET B 85 -3.48 -27.33 32.21
CA MET B 85 -3.91 -26.09 32.85
C MET B 85 -5.37 -25.75 32.58
N LYS B 86 -5.91 -26.24 31.46
CA LYS B 86 -7.29 -25.92 31.07
C LYS B 86 -8.34 -26.28 32.13
N SER B 87 -9.40 -25.50 32.19
CA SER B 87 -10.61 -25.78 32.95
C SER B 87 -10.35 -25.75 34.46
N LYS B 88 -9.30 -25.15 34.90
CA LYS B 88 -8.99 -25.14 36.34
C LYS B 88 -9.31 -23.80 36.98
N ASP B 89 -9.06 -23.72 38.28
CA ASP B 89 -9.09 -22.46 39.01
C ASP B 89 -7.80 -21.73 38.66
N ILE B 90 -7.92 -20.55 38.06
CA ILE B 90 -6.76 -19.79 37.61
C ILE B 90 -5.86 -19.39 38.76
N ASN B 91 -5.00 -20.31 39.18
CA ASN B 91 -4.07 -20.07 40.27
C ASN B 91 -2.66 -20.49 39.88
N ILE B 92 -1.93 -19.54 39.30
CA ILE B 92 -0.59 -19.78 38.78
C ILE B 92 0.25 -20.69 39.68
N VAL B 93 0.31 -20.36 40.96
CA VAL B 93 1.14 -21.12 41.88
C VAL B 93 0.69 -22.58 42.08
N GLU B 94 -0.62 -22.81 42.17
CA GLU B 94 -1.13 -24.16 42.42
C GLU B 94 -0.98 -25.04 41.18
N VAL B 95 -1.21 -24.43 40.03
CA VAL B 95 -1.08 -25.09 38.75
C VAL B 95 0.36 -25.53 38.48
N GLY B 96 1.30 -24.70 38.90
CA GLY B 96 2.71 -24.99 38.67
C GLY B 96 3.16 -26.14 39.55
N LYS B 97 2.80 -26.06 40.84
CA LYS B 97 3.01 -27.15 41.77
C LYS B 97 2.35 -28.44 41.28
N GLN B 98 1.07 -28.39 40.97
CA GLN B 98 0.36 -29.57 40.49
C GLN B 98 1.09 -30.17 39.29
N TYR B 99 1.57 -29.32 38.37
CA TYR B 99 2.26 -29.84 37.21
C TYR B 99 3.56 -30.53 37.55
N LEU B 100 4.39 -29.89 38.37
CA LEU B 100 5.72 -30.40 38.69
C LEU B 100 5.65 -31.67 39.53
N GLU B 101 4.67 -31.71 40.43
CA GLU B 101 4.40 -32.88 41.24
C GLU B 101 3.98 -34.05 40.35
N GLN B 102 2.94 -33.81 39.55
CA GLN B 102 2.47 -34.78 38.56
C GLN B 102 3.64 -35.31 37.74
N GLN B 103 4.51 -34.41 37.29
CA GLN B 103 5.62 -34.80 36.44
C GLN B 103 6.67 -35.67 37.14
N PHE B 104 6.93 -35.38 38.42
CA PHE B 104 7.88 -36.18 39.16
C PHE B 104 7.34 -37.58 39.43
N LEU B 105 6.05 -37.65 39.72
CA LEU B 105 5.37 -38.93 39.89
C LEU B 105 5.52 -39.79 38.62
N GLN B 106 5.08 -39.26 37.49
CA GLN B 106 5.28 -39.90 36.20
C GLN B 106 6.74 -40.32 36.00
N TYR B 107 7.67 -39.49 36.45
CA TYR B 107 9.09 -39.79 36.32
C TYR B 107 9.56 -40.96 37.19
N THR B 108 9.05 -41.05 38.42
CA THR B 108 9.37 -42.18 39.27
C THR B 108 8.70 -43.41 38.69
N ASP B 109 7.55 -43.18 38.04
CA ASP B 109 6.76 -44.24 37.46
C ASP B 109 7.54 -44.92 36.33
N ASN B 110 8.12 -44.11 35.44
CA ASN B 110 8.99 -44.60 34.38
C ASN B 110 10.18 -45.37 34.92
N LEU B 111 10.84 -44.77 35.89
CA LEU B 111 12.04 -45.36 36.48
C LEU B 111 11.79 -46.78 37.01
N TYR B 112 10.57 -47.03 37.50
CA TYR B 112 10.24 -48.32 38.06
C TYR B 112 10.11 -49.34 36.92
N LYS B 113 9.50 -48.92 35.82
CA LYS B 113 9.30 -49.78 34.66
C LYS B 113 10.59 -49.94 33.83
N LYS B 114 11.70 -49.47 34.37
CA LYS B 114 12.98 -49.58 33.69
C LYS B 114 13.90 -50.51 34.48
N ASN B 115 13.55 -50.74 35.73
CA ASN B 115 14.31 -51.64 36.59
C ASN B 115 13.49 -52.84 37.02
N MET B 116 12.62 -52.61 38.00
CA MET B 116 11.93 -53.68 38.70
C MET B 116 10.77 -54.22 37.90
N ASN B 117 9.82 -53.35 37.58
CA ASN B 117 8.59 -53.76 36.94
C ASN B 117 7.96 -54.98 37.63
N GLU B 118 8.09 -55.05 38.95
CA GLU B 118 7.38 -56.06 39.72
C GLU B 118 6.03 -56.20 39.07
N GLY B 119 5.34 -55.06 38.97
CA GLY B 119 4.06 -54.98 38.29
C GLY B 119 3.57 -53.58 38.53
N LEU B 120 2.27 -53.44 38.75
CA LEU B 120 1.71 -52.19 39.23
C LEU B 120 1.98 -52.09 40.72
N ALA B 121 2.97 -51.29 41.09
CA ALA B 121 3.37 -51.15 42.49
C ALA B 121 2.68 -49.94 43.13
N THR B 122 2.70 -49.90 44.45
CA THR B 122 2.18 -48.75 45.18
C THR B 122 3.02 -47.51 44.93
N ASN B 123 2.34 -46.38 44.75
CA ASN B 123 3.01 -45.07 44.78
C ASN B 123 4.19 -45.07 45.74
N VAL B 124 3.92 -45.33 47.01
CA VAL B 124 4.97 -45.33 48.03
C VAL B 124 6.14 -46.22 47.64
N ASN B 125 5.83 -47.33 46.95
CA ASN B 125 6.85 -48.31 46.60
C ASN B 125 7.67 -47.88 45.39
N LYS B 126 7.00 -47.23 44.44
CA LYS B 126 7.70 -46.55 43.35
C LYS B 126 8.67 -45.50 43.89
N ILE B 127 8.21 -44.72 44.85
CA ILE B 127 9.02 -43.65 45.42
C ILE B 127 10.21 -44.20 46.19
N LYS B 128 10.01 -45.32 46.86
CA LYS B 128 11.07 -45.98 47.62
C LYS B 128 12.13 -46.56 46.68
N SER B 129 11.68 -47.13 45.57
CA SER B 129 12.60 -47.64 44.55
C SER B 129 13.42 -46.52 43.93
N PHE B 130 12.80 -45.36 43.76
CA PHE B 130 13.50 -44.17 43.29
C PHE B 130 14.52 -43.72 44.33
N ILE B 131 14.05 -43.56 45.56
CA ILE B 131 14.87 -43.14 46.67
C ILE B 131 16.05 -44.07 46.88
N ASP B 132 15.81 -45.37 46.81
CA ASP B 132 16.87 -46.36 46.98
C ASP B 132 17.93 -46.23 45.90
N THR B 133 17.50 -45.84 44.70
CA THR B 133 18.40 -45.73 43.55
C THR B 133 19.20 -44.42 43.55
N LYS B 134 18.52 -43.30 43.74
CA LYS B 134 19.16 -41.99 43.67
C LYS B 134 19.80 -41.54 44.99
N LEU B 135 19.92 -42.45 45.94
CA LEU B 135 20.54 -42.11 47.23
C LEU B 135 21.53 -43.17 47.72
N LYS B 136 21.77 -44.17 46.89
CA LYS B 136 22.83 -45.15 47.15
C LYS B 136 23.77 -45.27 45.97
N LYS B 137 25.04 -44.93 46.18
CA LYS B 137 26.13 -45.50 45.41
C LYS B 137 26.33 -46.98 45.74
N ALA B 138 25.55 -47.84 45.10
CA ALA B 138 26.08 -48.98 44.37
C ALA B 138 26.61 -50.04 45.34
N ASP B 139 27.39 -49.61 46.33
CA ASP B 139 27.92 -50.52 47.34
C ASP B 139 27.11 -50.44 48.62
N LYS B 140 25.79 -50.29 48.49
CA LYS B 140 24.87 -50.43 49.62
C LYS B 140 24.91 -49.18 50.50
N SER B 141 25.71 -48.20 50.10
CA SER B 141 26.13 -47.14 51.01
C SER B 141 25.38 -45.84 50.73
N TRP B 142 24.99 -45.14 51.80
CA TRP B 142 24.20 -43.93 51.67
C TRP B 142 25.02 -42.78 51.10
N LYS B 143 24.48 -42.12 50.08
CA LYS B 143 25.23 -41.13 49.33
C LYS B 143 25.40 -39.80 50.07
N ILE B 144 24.53 -39.54 51.04
CA ILE B 144 24.66 -38.32 51.85
C ILE B 144 24.48 -38.56 53.34
N SER B 145 25.58 -38.45 54.08
CA SER B 145 25.60 -38.74 55.50
C SER B 145 24.57 -37.94 56.30
N ASN B 146 24.33 -38.39 57.53
CA ASN B 146 23.39 -37.74 58.45
C ASN B 146 21.94 -38.04 58.13
N LEU B 147 21.67 -39.18 57.52
CA LEU B 147 20.29 -39.58 57.24
C LEU B 147 19.69 -40.30 58.44
N THR B 148 18.54 -39.82 58.92
CA THR B 148 17.75 -40.59 59.88
C THR B 148 17.27 -41.85 59.16
N VAL B 149 17.51 -43.01 59.75
CA VAL B 149 17.17 -44.24 59.07
C VAL B 149 16.42 -45.21 59.98
N ILE B 150 15.50 -45.95 59.39
CA ILE B 150 14.71 -46.94 60.07
C ILE B 150 14.42 -48.05 59.09
N ASN B 151 14.61 -49.30 59.50
CA ASN B 151 14.36 -50.46 58.64
C ASN B 151 15.07 -50.38 57.29
N GLY B 152 16.09 -49.54 57.19
CA GLY B 152 16.82 -49.37 55.95
C GLY B 152 16.13 -48.43 54.99
N VAL B 153 15.36 -47.49 55.53
CA VAL B 153 14.69 -46.47 54.73
C VAL B 153 14.77 -45.09 55.40
N PRO B 154 15.15 -44.07 54.62
CA PRO B 154 15.34 -42.70 55.12
C PRO B 154 14.02 -41.97 55.23
N ILE B 155 13.41 -42.00 56.40
CA ILE B 155 12.04 -41.54 56.56
C ILE B 155 11.83 -40.06 56.29
N TRP B 156 12.87 -39.25 56.46
CA TRP B 156 12.76 -37.84 56.08
C TRP B 156 12.85 -37.67 54.57
N ALA B 157 13.71 -38.47 53.94
CA ALA B 157 13.80 -38.47 52.49
C ALA B 157 12.48 -38.93 51.88
N LEU B 158 11.95 -40.03 52.41
CA LEU B 158 10.69 -40.58 51.95
C LEU B 158 9.58 -39.55 52.10
N ILE B 159 9.55 -38.90 53.25
CA ILE B 159 8.54 -37.89 53.50
C ILE B 159 8.66 -36.74 52.47
N PHE B 160 9.89 -36.29 52.28
CA PHE B 160 10.15 -35.20 51.36
C PHE B 160 9.70 -35.51 49.93
N TYR B 161 10.02 -36.71 49.45
CA TYR B 161 9.69 -37.05 48.07
C TYR B 161 8.23 -37.43 47.83
N LEU B 162 7.54 -37.83 48.90
CA LEU B 162 6.11 -38.06 48.81
C LEU B 162 5.43 -36.70 48.65
N LEU B 163 5.92 -35.72 49.40
CA LEU B 163 5.49 -34.33 49.23
C LEU B 163 5.79 -33.85 47.80
N ARG B 164 7.02 -34.08 47.37
CA ARG B 164 7.49 -33.73 46.03
C ARG B 164 6.62 -34.32 44.91
N ALA B 165 5.82 -35.34 45.24
CA ALA B 165 4.94 -35.91 44.23
C ALA B 165 3.49 -35.56 44.44
N GLY B 166 3.21 -34.72 45.43
CA GLY B 166 1.86 -34.31 45.75
C GLY B 166 1.09 -35.28 46.65
N LEU B 167 1.78 -36.29 47.18
CA LEU B 167 1.14 -37.32 48.01
C LEU B 167 1.24 -37.00 49.50
N ILE B 168 0.49 -35.99 49.92
CA ILE B 168 0.50 -35.53 51.31
C ILE B 168 -0.11 -36.55 52.28
N LYS B 169 -1.17 -37.23 51.86
CA LYS B 169 -1.79 -38.24 52.70
C LYS B 169 -0.77 -39.33 53.02
N GLU B 170 -0.10 -39.81 51.98
CA GLU B 170 0.89 -40.86 52.13
C GLU B 170 2.10 -40.39 52.96
N ALA B 171 2.49 -39.13 52.77
CA ALA B 171 3.59 -38.54 53.53
C ALA B 171 3.26 -38.49 55.02
N LEU B 172 2.01 -38.18 55.32
CA LEU B 172 1.58 -38.03 56.71
C LEU B 172 1.57 -39.39 57.38
N GLN B 173 1.05 -40.40 56.69
CA GLN B 173 0.97 -41.76 57.20
C GLN B 173 2.34 -42.21 57.68
N VAL B 174 3.36 -41.89 56.89
CA VAL B 174 4.73 -42.29 57.19
C VAL B 174 5.19 -41.69 58.51
N LEU B 175 4.89 -40.40 58.69
CA LEU B 175 5.25 -39.71 59.92
C LEU B 175 4.46 -40.23 61.12
N VAL B 176 3.23 -40.69 60.88
CA VAL B 176 2.36 -41.21 61.94
C VAL B 176 2.88 -42.58 62.38
N GLU B 177 3.28 -43.38 61.41
CA GLU B 177 3.82 -44.71 61.70
C GLU B 177 5.03 -44.62 62.63
N ASN B 178 5.58 -43.43 62.77
CA ASN B 178 6.78 -43.22 63.57
C ASN B 178 6.52 -42.33 64.79
N GLU B 186 10.99 -35.09 67.34
CA GLU B 186 10.44 -34.17 66.35
C GLU B 186 8.91 -34.20 66.36
N GLN B 187 8.34 -34.50 67.52
CA GLN B 187 6.93 -34.86 67.61
C GLN B 187 6.09 -33.69 68.11
N SER B 188 6.48 -32.49 67.73
CA SER B 188 5.54 -31.38 67.57
C SER B 188 5.41 -30.97 66.10
N PHE B 189 6.16 -31.64 65.24
CA PHE B 189 6.04 -31.43 63.80
C PHE B 189 4.82 -32.12 63.24
N LEU B 190 4.61 -33.37 63.63
CA LEU B 190 3.46 -34.14 63.17
C LEU B 190 2.15 -33.43 63.50
N THR B 191 2.18 -32.61 64.55
CA THR B 191 1.00 -31.85 64.95
C THR B 191 0.67 -30.78 63.92
N TYR B 192 1.65 -29.95 63.58
CA TYR B 192 1.45 -28.92 62.56
C TYR B 192 1.28 -29.55 61.18
N PHE B 193 2.12 -30.55 60.87
CA PHE B 193 2.05 -31.25 59.60
C PHE B 193 0.65 -31.82 59.33
N LYS B 194 -0.01 -32.34 60.36
CA LYS B 194 -1.39 -32.77 60.21
C LYS B 194 -2.25 -31.59 59.81
N ALA B 195 -2.09 -30.48 60.53
CA ALA B 195 -2.82 -29.26 60.23
C ALA B 195 -2.59 -28.83 58.79
N TYR B 196 -1.44 -29.18 58.24
CA TYR B 196 -1.15 -28.93 56.83
C TYR B 196 -0.73 -30.21 56.11
N ASP B 227 18.79 -33.95 59.59
CA ASP B 227 19.05 -34.66 58.35
C ASP B 227 18.59 -33.85 57.14
N PRO B 228 19.52 -33.56 56.23
CA PRO B 228 19.32 -32.52 55.23
C PRO B 228 17.88 -32.53 54.69
N TYR B 229 17.25 -33.69 54.69
CA TYR B 229 15.89 -33.83 54.18
C TYR B 229 14.86 -33.41 55.22
N ARG B 230 15.22 -33.55 56.50
CA ARG B 230 14.37 -33.11 57.59
C ARG B 230 14.31 -31.59 57.60
N LEU B 231 15.42 -30.99 57.21
CA LEU B 231 15.49 -29.56 57.07
C LEU B 231 14.60 -29.10 55.92
N ALA B 232 14.64 -29.80 54.80
CA ALA B 232 13.84 -29.37 53.65
C ALA B 232 12.38 -29.37 54.03
N VAL B 233 11.96 -30.41 54.77
CA VAL B 233 10.53 -30.62 55.03
C VAL B 233 9.98 -29.63 56.04
N TYR B 234 10.75 -29.35 57.08
CA TYR B 234 10.37 -28.34 58.06
C TYR B 234 10.27 -27.03 57.32
N LYS B 235 11.32 -26.73 56.57
CA LYS B 235 11.38 -25.50 55.77
C LYS B 235 10.14 -25.33 54.90
N LEU B 236 9.79 -26.37 54.13
CA LEU B 236 8.62 -26.29 53.25
C LEU B 236 7.33 -26.13 54.03
N ILE B 237 7.01 -27.11 54.87
CA ILE B 237 5.79 -27.08 55.67
C ILE B 237 5.70 -25.79 56.50
N GLY B 238 6.77 -25.46 57.19
CA GLY B 238 6.79 -24.28 58.05
C GLY B 238 7.11 -22.95 57.38
N ARG B 239 7.73 -22.98 56.20
CA ARG B 239 8.24 -21.76 55.57
C ARG B 239 9.18 -20.98 56.49
N CYS B 240 10.12 -21.70 57.11
CA CYS B 240 10.83 -21.21 58.28
C CYS B 240 11.99 -20.23 58.02
N ASP B 241 12.95 -20.63 57.20
CA ASP B 241 14.10 -19.77 56.96
C ASP B 241 13.98 -19.03 55.61
N LEU B 242 13.00 -18.13 55.53
CA LEU B 242 12.67 -17.46 54.28
C LEU B 242 13.86 -16.75 53.63
N SER B 243 14.74 -16.19 54.45
CA SER B 243 15.92 -15.50 53.94
C SER B 243 16.82 -16.47 53.16
N ARG B 244 16.68 -17.76 53.45
CA ARG B 244 17.49 -18.79 52.82
C ARG B 244 16.65 -19.74 51.98
N LYS B 245 16.10 -19.21 50.88
CA LYS B 245 15.20 -19.98 50.01
C LYS B 245 15.84 -21.21 49.38
N ASN B 246 17.16 -21.27 49.38
CA ASN B 246 17.87 -22.39 48.78
C ASN B 246 18.50 -23.33 49.80
N ILE B 247 18.17 -24.60 49.66
CA ILE B 247 18.73 -25.68 50.49
C ILE B 247 19.05 -26.83 49.54
N PRO B 248 20.24 -26.77 48.90
CA PRO B 248 20.60 -27.48 47.67
C PRO B 248 21.21 -28.87 47.83
N ALA B 249 21.20 -29.43 49.04
CA ALA B 249 21.62 -30.81 49.21
C ALA B 249 20.59 -31.74 48.59
N VAL B 250 19.33 -31.35 48.72
CA VAL B 250 18.23 -32.15 48.20
C VAL B 250 17.67 -31.62 46.88
N THR B 251 18.25 -30.56 46.34
CA THR B 251 17.86 -30.07 45.02
C THR B 251 18.73 -30.74 43.96
N LEU B 252 18.12 -31.60 43.17
CA LEU B 252 18.85 -32.43 42.22
C LEU B 252 18.51 -32.09 40.77
N SER B 253 17.63 -31.11 40.57
CA SER B 253 17.18 -30.74 39.24
C SER B 253 16.52 -29.36 39.23
N ILE B 254 16.34 -28.81 38.03
CA ILE B 254 15.68 -27.52 37.90
C ILE B 254 14.23 -27.59 38.37
N GLU B 255 13.52 -28.65 37.98
CA GLU B 255 12.16 -28.89 38.46
C GLU B 255 12.05 -28.85 40.00
N ASP B 256 12.97 -29.50 40.70
CA ASP B 256 12.93 -29.47 42.17
C ASP B 256 13.04 -28.03 42.67
N TRP B 257 13.96 -27.29 42.06
CA TRP B 257 14.18 -25.88 42.39
C TRP B 257 12.90 -25.06 42.22
N LEU B 258 12.26 -25.11 41.05
CA LEU B 258 11.03 -24.35 40.84
C LEU B 258 9.99 -24.77 41.86
N TRP B 259 9.87 -26.07 42.02
CA TRP B 259 8.86 -26.63 42.93
C TRP B 259 9.04 -26.12 44.36
N MET B 260 10.28 -26.06 44.84
CA MET B 260 10.50 -25.55 46.20
C MET B 260 10.12 -24.09 46.36
N HIS B 261 10.44 -23.26 45.37
CA HIS B 261 10.06 -21.86 45.48
C HIS B 261 8.55 -21.73 45.51
N LEU B 262 7.89 -22.40 44.58
CA LEU B 262 6.44 -22.33 44.50
C LEU B 262 5.80 -22.69 45.85
N MET B 263 6.38 -23.68 46.52
CA MET B 263 5.91 -24.06 47.85
C MET B 263 6.11 -22.95 48.89
N LEU B 264 7.29 -22.34 48.89
CA LEU B 264 7.61 -21.26 49.82
C LEU B 264 6.80 -20.00 49.58
N ILE B 265 6.10 -19.93 48.45
CA ILE B 265 5.45 -18.67 48.12
C ILE B 265 4.49 -18.28 49.24
N GLU B 277 8.57 -15.36 55.61
CA GLU B 277 7.68 -14.34 56.17
C GLU B 277 6.69 -13.85 55.13
N ARG B 278 7.17 -13.05 54.18
CA ARG B 278 6.46 -12.81 52.93
C ARG B 278 7.34 -13.14 51.73
N TYR B 279 6.95 -14.16 50.98
CA TYR B 279 7.59 -14.46 49.70
C TYR B 279 6.54 -14.61 48.59
N SER B 280 6.50 -13.62 47.69
CA SER B 280 5.41 -13.53 46.73
C SER B 280 5.79 -14.10 45.37
N LEU B 281 4.78 -14.22 44.48
CA LEU B 281 5.03 -14.74 43.14
C LEU B 281 5.90 -13.77 42.38
N GLU B 282 5.50 -12.51 42.39
CA GLU B 282 6.25 -11.41 41.78
C GLU B 282 7.73 -11.45 42.17
N ASP B 283 8.00 -11.78 43.44
CA ASP B 283 9.38 -11.97 43.90
C ASP B 283 10.03 -13.16 43.21
N PHE B 284 9.29 -14.26 43.08
CA PHE B 284 9.79 -15.44 42.39
C PHE B 284 10.13 -15.11 40.95
N GLN B 285 9.22 -14.41 40.29
CA GLN B 285 9.43 -14.01 38.90
C GLN B 285 10.67 -13.13 38.74
N ASN B 286 10.87 -12.17 39.65
CA ASN B 286 12.06 -11.33 39.62
C ASN B 286 13.34 -12.15 39.63
N ILE B 287 13.40 -13.12 40.53
CA ILE B 287 14.55 -14.01 40.61
C ILE B 287 14.79 -14.73 39.28
N ILE B 288 13.72 -15.24 38.69
CA ILE B 288 13.85 -15.97 37.43
C ILE B 288 14.38 -15.06 36.34
N ILE B 289 13.73 -13.91 36.18
CA ILE B 289 14.09 -12.98 35.13
C ILE B 289 15.52 -12.52 35.36
N SER B 290 15.84 -12.27 36.62
CA SER B 290 17.15 -11.79 36.99
C SER B 290 18.26 -12.76 36.56
N TYR B 291 18.02 -14.06 36.73
CA TYR B 291 19.03 -15.03 36.35
C TYR B 291 19.08 -15.28 34.86
N GLY B 292 17.93 -15.18 34.20
CA GLY B 292 17.89 -15.24 32.74
C GLY B 292 18.04 -16.64 32.18
N PRO B 293 17.91 -16.77 30.86
CA PRO B 293 17.95 -18.02 30.09
C PRO B 293 19.23 -18.83 30.31
N SER B 294 20.33 -18.15 30.63
CA SER B 294 21.63 -18.81 30.72
C SER B 294 21.73 -19.82 31.85
N ARG B 295 20.95 -19.62 32.91
CA ARG B 295 21.03 -20.51 34.05
C ARG B 295 19.88 -21.52 34.11
N PHE B 296 19.12 -21.63 33.03
CA PHE B 296 18.03 -22.59 33.02
C PHE B 296 18.16 -23.63 31.92
N SER B 297 19.37 -23.79 31.38
CA SER B 297 19.64 -24.82 30.39
C SER B 297 18.55 -24.93 29.34
N ASN B 298 17.99 -26.13 29.22
CA ASN B 298 16.93 -26.39 28.25
C ASN B 298 15.55 -26.33 28.91
N TYR B 299 15.43 -25.50 29.95
CA TYR B 299 14.18 -25.44 30.72
C TYR B 299 13.62 -24.03 30.94
N TYR B 300 14.14 -23.04 30.21
CA TYR B 300 13.72 -21.66 30.44
C TYR B 300 12.28 -21.34 30.01
N LEU B 301 11.82 -21.95 28.91
CA LEU B 301 10.45 -21.73 28.46
C LEU B 301 9.44 -22.30 29.43
N GLN B 302 9.66 -23.53 29.86
CA GLN B 302 8.81 -24.16 30.88
C GLN B 302 8.80 -23.30 32.15
N THR B 303 10.01 -22.87 32.54
CA THR B 303 10.18 -22.06 33.73
C THR B 303 9.32 -20.79 33.65
N LEU B 304 9.35 -20.11 32.50
CA LEU B 304 8.53 -18.90 32.29
C LEU B 304 7.02 -19.16 32.35
N LEU B 305 6.58 -20.28 31.78
CA LEU B 305 5.16 -20.60 31.77
C LEU B 305 4.67 -21.04 33.15
N LEU B 306 5.51 -21.78 33.87
CA LEU B 306 5.13 -22.24 35.22
C LEU B 306 5.07 -21.09 36.22
N SER B 307 5.91 -20.08 36.04
CA SER B 307 5.92 -18.95 36.95
C SER B 307 4.94 -17.90 36.49
N GLY B 308 4.31 -18.16 35.34
CA GLY B 308 3.27 -17.28 34.83
C GLY B 308 3.78 -16.07 34.06
N LEU B 309 4.98 -16.15 33.50
CA LEU B 309 5.55 -15.05 32.74
C LEU B 309 5.23 -15.22 31.25
N TYR B 310 3.95 -15.09 30.93
CA TYR B 310 3.44 -15.43 29.61
C TYR B 310 3.97 -14.59 28.44
N GLY B 311 3.89 -13.27 28.57
CA GLY B 311 4.48 -12.38 27.57
C GLY B 311 5.93 -12.72 27.32
N LEU B 312 6.70 -12.90 28.40
CA LEU B 312 8.10 -13.27 28.29
C LEU B 312 8.31 -14.67 27.67
N ALA B 313 7.42 -15.60 27.97
CA ALA B 313 7.43 -16.92 27.33
C ALA B 313 7.34 -16.81 25.81
N ILE B 314 6.34 -16.08 25.33
CA ILE B 314 6.20 -15.79 23.90
C ILE B 314 7.46 -15.15 23.31
N ASP B 315 7.91 -14.04 23.92
CA ASP B 315 9.19 -13.41 23.57
C ASP B 315 10.33 -14.41 23.38
N TYR B 316 10.56 -15.22 24.42
CA TYR B 316 11.65 -16.19 24.39
C TYR B 316 11.48 -17.17 23.26
N THR B 317 10.24 -17.57 23.01
CA THR B 317 9.94 -18.50 21.93
C THR B 317 10.23 -17.85 20.57
N TYR B 318 10.00 -16.54 20.46
CA TYR B 318 10.34 -15.83 19.22
C TYR B 318 11.80 -15.92 18.85
N THR B 319 12.67 -16.07 19.85
CA THR B 319 14.12 -16.05 19.59
C THR B 319 14.64 -17.31 18.88
N PHE B 320 13.84 -18.38 18.89
CA PHE B 320 14.20 -19.60 18.15
C PHE B 320 13.16 -20.12 17.14
N SER B 321 11.92 -19.62 17.21
CA SER B 321 10.88 -20.04 16.26
C SER B 321 9.63 -19.18 16.27
N GLU B 322 9.48 -18.31 15.26
CA GLU B 322 8.34 -17.40 15.23
C GLU B 322 7.01 -18.14 15.12
N MET B 323 7.00 -19.19 14.32
CA MET B 323 5.79 -19.99 14.12
C MET B 323 5.28 -20.59 15.44
N ASP B 324 6.20 -21.16 16.20
CA ASP B 324 5.80 -21.72 17.49
C ASP B 324 5.37 -20.63 18.48
N ALA B 325 6.01 -19.47 18.41
CA ALA B 325 5.61 -18.35 19.26
C ALA B 325 4.16 -17.93 18.98
N VAL B 326 3.84 -17.70 17.70
CA VAL B 326 2.49 -17.33 17.28
C VAL B 326 1.47 -18.32 17.84
N HIS B 327 1.75 -19.60 17.69
CA HIS B 327 0.82 -20.66 18.10
C HIS B 327 0.78 -20.93 19.60
N LEU B 328 1.90 -20.74 20.28
CA LEU B 328 1.84 -20.65 21.74
C LEU B 328 0.98 -19.46 22.17
N ALA B 329 1.17 -18.30 21.53
CA ALA B 329 0.35 -17.15 21.85
C ALA B 329 -1.13 -17.49 21.71
N ILE B 330 -1.47 -18.17 20.61
CA ILE B 330 -2.85 -18.63 20.38
C ILE B 330 -3.32 -19.51 21.55
N GLY B 331 -2.46 -20.45 21.98
CA GLY B 331 -2.77 -21.33 23.10
C GLY B 331 -3.07 -20.57 24.38
N LEU B 332 -2.14 -19.71 24.79
CA LEU B 332 -2.34 -18.87 25.98
C LEU B 332 -3.60 -18.00 25.82
N ALA B 333 -3.80 -17.47 24.62
CA ALA B 333 -4.94 -16.59 24.35
C ALA B 333 -6.24 -17.30 24.57
N SER B 334 -6.29 -18.57 24.16
CA SER B 334 -7.51 -19.35 24.27
C SER B 334 -7.70 -19.87 25.69
N LEU B 335 -6.85 -19.40 26.60
CA LEU B 335 -7.04 -19.66 28.02
C LEU B 335 -7.18 -18.36 28.81
N LYS B 336 -7.08 -17.23 28.11
CA LYS B 336 -7.30 -15.92 28.72
C LYS B 336 -6.10 -15.53 29.59
N LEU B 337 -4.93 -15.45 28.98
CA LEU B 337 -3.68 -15.69 29.69
C LEU B 337 -2.58 -14.75 29.21
N ARG B 355 -1.44 -7.06 21.87
CA ARG B 355 -0.34 -7.44 20.98
C ARG B 355 -0.66 -8.74 20.25
N PHE B 356 -1.72 -9.42 20.70
CA PHE B 356 -2.25 -10.57 19.99
C PHE B 356 -2.52 -10.23 18.52
N ALA B 357 -3.29 -9.16 18.31
CA ALA B 357 -3.65 -8.74 16.96
C ALA B 357 -2.40 -8.56 16.08
N ASN B 358 -1.39 -7.92 16.65
CA ASN B 358 -0.13 -7.72 15.94
C ASN B 358 0.63 -9.00 15.71
N ILE B 359 0.52 -9.94 16.65
CA ILE B 359 1.18 -11.22 16.52
C ILE B 359 0.59 -11.98 15.34
N LEU B 360 -0.73 -11.98 15.26
CA LEU B 360 -1.45 -12.63 14.16
C LEU B 360 -1.32 -11.88 12.84
N ALA B 361 -1.56 -10.58 12.86
CA ALA B 361 -1.40 -9.78 11.64
C ALA B 361 -0.01 -9.95 11.06
N ASN B 362 1.02 -9.79 11.89
CA ASN B 362 2.39 -9.97 11.46
C ASN B 362 2.68 -11.37 10.93
N TYR B 363 2.11 -12.38 11.58
CA TYR B 363 2.32 -13.75 11.17
C TYR B 363 1.79 -14.01 9.75
N THR B 364 0.58 -13.55 9.48
CA THR B 364 -0.05 -13.72 8.15
C THR B 364 0.73 -13.07 7.01
N LYS B 365 1.75 -12.28 7.36
CA LYS B 365 2.43 -11.45 6.37
C LYS B 365 2.99 -12.17 5.14
N SER B 366 3.78 -13.22 5.33
CA SER B 366 4.43 -13.92 4.24
C SER B 366 3.50 -14.89 3.49
N PHE B 367 2.22 -14.95 3.87
CA PHE B 367 1.30 -15.87 3.22
C PHE B 367 -0.10 -15.30 2.96
N ARG B 368 -0.27 -14.01 3.23
CA ARG B 368 -1.49 -13.34 2.82
C ARG B 368 -1.76 -13.47 1.31
N TYR B 369 -0.71 -13.47 0.49
CA TYR B 369 -0.88 -13.45 -0.98
C TYR B 369 -0.96 -14.83 -1.60
N SER B 370 -0.21 -15.78 -1.06
CA SER B 370 -0.26 -17.14 -1.57
C SER B 370 -1.42 -17.94 -0.98
N ASP B 371 -1.80 -17.62 0.24
CA ASP B 371 -2.87 -18.33 0.93
C ASP B 371 -3.78 -17.37 1.67
N PRO B 372 -4.55 -16.56 0.93
CA PRO B 372 -5.48 -15.63 1.57
C PRO B 372 -6.50 -16.32 2.49
N ARG B 373 -6.88 -17.56 2.20
CA ARG B 373 -7.86 -18.27 3.05
C ARG B 373 -7.23 -18.56 4.41
N VAL B 374 -5.99 -19.00 4.40
CA VAL B 374 -5.27 -19.25 5.65
C VAL B 374 -5.12 -17.96 6.44
N ALA B 375 -4.97 -16.83 5.76
CA ALA B 375 -4.83 -15.57 6.49
C ALA B 375 -6.13 -15.16 7.19
N VAL B 376 -7.27 -15.47 6.58
CA VAL B 376 -8.55 -15.14 7.21
C VAL B 376 -8.71 -15.94 8.50
N GLU B 377 -8.31 -17.20 8.44
CA GLU B 377 -8.34 -18.08 9.60
C GLU B 377 -7.59 -17.51 10.84
N TYR B 378 -6.40 -16.96 10.62
CA TYR B 378 -5.63 -16.37 11.71
C TYR B 378 -6.20 -15.04 12.20
N LEU B 379 -6.63 -14.18 11.28
CA LEU B 379 -7.25 -12.92 11.67
C LEU B 379 -8.53 -13.15 12.47
N VAL B 380 -9.24 -14.21 12.15
CA VAL B 380 -10.46 -14.51 12.86
C VAL B 380 -10.14 -14.89 14.33
N LEU B 381 -8.91 -15.32 14.59
CA LEU B 381 -8.47 -15.57 15.96
C LEU B 381 -8.40 -14.29 16.80
N ILE B 382 -8.18 -13.15 16.16
CA ILE B 382 -8.12 -11.88 16.87
C ILE B 382 -9.32 -11.66 17.77
N THR B 383 -10.46 -12.26 17.42
CA THR B 383 -11.68 -12.10 18.21
C THR B 383 -11.77 -13.07 19.41
N LEU B 384 -10.64 -13.65 19.78
CA LEU B 384 -10.60 -14.49 20.97
C LEU B 384 -10.86 -13.63 22.21
N ASN B 385 -10.60 -12.33 22.08
CA ASN B 385 -11.00 -11.35 23.07
C ASN B 385 -12.20 -10.59 22.52
N GLU B 386 -13.24 -10.43 23.32
CA GLU B 386 -14.46 -9.79 22.84
C GLU B 386 -14.39 -8.26 22.92
N GLY B 387 -13.27 -7.75 23.44
CA GLY B 387 -13.05 -6.31 23.55
C GLY B 387 -13.42 -5.56 22.28
N PRO B 388 -14.29 -4.55 22.42
CA PRO B 388 -14.77 -3.76 21.28
C PRO B 388 -13.62 -3.11 20.51
N THR B 389 -12.43 -3.17 21.07
CA THR B 389 -11.26 -2.59 20.42
C THR B 389 -10.68 -3.51 19.34
N ASP B 390 -10.51 -4.78 19.68
CA ASP B 390 -9.85 -5.71 18.77
C ASP B 390 -10.80 -6.38 17.76
N VAL B 391 -12.10 -6.27 18.01
CA VAL B 391 -13.09 -6.73 17.06
C VAL B 391 -13.03 -5.82 15.83
N GLU B 392 -12.57 -4.59 16.04
CA GLU B 392 -12.40 -3.66 14.94
C GLU B 392 -11.01 -3.79 14.34
N LEU B 393 -10.03 -4.14 15.15
CA LEU B 393 -8.72 -4.52 14.65
C LEU B 393 -8.82 -5.69 13.66
N CYS B 394 -9.82 -6.56 13.87
CA CYS B 394 -10.05 -7.69 12.97
C CYS B 394 -10.66 -7.20 11.66
N HIS B 395 -11.75 -6.45 11.74
CA HIS B 395 -12.35 -5.93 10.51
C HIS B 395 -11.31 -5.13 9.74
N GLU B 396 -10.48 -4.40 10.47
CA GLU B 396 -9.46 -3.53 9.89
C GLU B 396 -8.38 -4.32 9.14
N ALA B 397 -7.97 -5.45 9.69
CA ALA B 397 -6.92 -6.24 9.08
C ALA B 397 -7.55 -7.12 7.99
N LEU B 398 -8.86 -7.30 8.10
CA LEU B 398 -9.63 -8.00 7.08
C LEU B 398 -9.78 -7.10 5.87
N ARG B 399 -10.26 -5.88 6.09
CA ARG B 399 -10.40 -4.95 4.99
C ARG B 399 -9.07 -4.81 4.26
N GLU B 400 -7.98 -4.66 5.02
CA GLU B 400 -6.67 -4.51 4.41
C GLU B 400 -6.25 -5.74 3.63
N LEU B 401 -6.76 -6.90 4.02
CA LEU B 401 -6.38 -8.12 3.32
C LEU B 401 -7.05 -8.21 1.95
N VAL B 402 -8.38 -8.04 1.92
CA VAL B 402 -9.10 -8.08 0.65
C VAL B 402 -8.71 -6.95 -0.32
N LEU B 403 -8.40 -5.77 0.22
CA LEU B 403 -8.02 -4.63 -0.61
C LEU B 403 -6.63 -4.82 -1.23
N GLU B 404 -5.69 -5.28 -0.42
CA GLU B 404 -4.31 -5.43 -0.88
C GLU B 404 -4.03 -6.73 -1.66
N THR B 405 -4.79 -7.79 -1.39
CA THR B 405 -4.58 -9.03 -2.15
C THR B 405 -5.52 -9.15 -3.36
N LYS B 406 -6.67 -8.48 -3.29
CA LYS B 406 -7.66 -8.53 -4.35
C LYS B 406 -8.00 -9.95 -4.79
N GLU B 407 -8.02 -10.88 -3.83
CA GLU B 407 -8.54 -12.22 -4.11
C GLU B 407 -10.02 -12.21 -3.80
N PHE B 408 -10.75 -11.43 -4.58
CA PHE B 408 -12.17 -11.17 -4.34
C PHE B 408 -13.07 -12.40 -4.35
N THR B 409 -12.87 -13.27 -5.33
CA THR B 409 -13.66 -14.51 -5.40
C THR B 409 -13.53 -15.33 -4.09
N VAL B 410 -12.30 -15.71 -3.75
CA VAL B 410 -11.99 -16.48 -2.54
C VAL B 410 -12.55 -15.84 -1.28
N LEU B 411 -12.26 -14.55 -1.10
CA LEU B 411 -12.63 -13.76 0.09
C LEU B 411 -14.08 -13.31 0.15
N LEU B 412 -14.59 -12.75 -0.95
CA LEU B 412 -15.88 -12.07 -0.97
C LEU B 412 -17.01 -12.93 -1.61
N GLY B 413 -16.64 -14.04 -2.20
CA GLY B 413 -17.62 -14.94 -2.76
C GLY B 413 -17.81 -14.79 -4.25
N LYS B 414 -18.87 -15.39 -4.74
CA LYS B 414 -19.11 -15.47 -6.16
C LYS B 414 -20.61 -15.66 -6.35
N ILE B 415 -21.11 -15.42 -7.55
CA ILE B 415 -22.52 -15.62 -7.84
C ILE B 415 -22.70 -16.91 -8.63
N GLY B 416 -23.60 -17.78 -8.16
CA GLY B 416 -23.92 -19.01 -8.89
C GLY B 416 -25.01 -18.86 -9.94
N ARG B 417 -25.23 -19.90 -10.74
CA ARG B 417 -26.18 -19.86 -11.86
C ARG B 417 -27.64 -19.58 -11.46
N ASP B 418 -27.93 -19.59 -10.16
CA ASP B 418 -29.29 -19.32 -9.70
C ASP B 418 -29.41 -17.89 -9.18
N GLY B 419 -28.31 -17.16 -9.27
CA GLY B 419 -28.30 -15.78 -8.81
C GLY B 419 -27.93 -15.63 -7.35
N ALA B 420 -27.78 -16.75 -6.65
CA ALA B 420 -27.47 -16.72 -5.22
C ALA B 420 -25.96 -16.68 -4.98
N ARG B 421 -25.54 -15.76 -4.12
CA ARG B 421 -24.13 -15.67 -3.76
C ARG B 421 -23.65 -16.97 -3.12
N ILE B 422 -22.54 -17.49 -3.64
CA ILE B 422 -21.85 -18.59 -3.00
C ILE B 422 -20.78 -17.98 -2.11
N PRO B 423 -21.01 -18.00 -0.80
CA PRO B 423 -20.18 -17.35 0.21
C PRO B 423 -18.68 -17.54 0.03
N GLY B 424 -17.95 -16.47 0.27
CA GLY B 424 -16.50 -16.52 0.35
C GLY B 424 -16.15 -16.92 1.77
N VAL B 425 -14.87 -16.85 2.10
CA VAL B 425 -14.41 -17.37 3.37
C VAL B 425 -14.73 -16.44 4.54
N ILE B 426 -14.65 -15.14 4.30
CA ILE B 426 -14.97 -14.18 5.34
C ILE B 426 -16.42 -14.29 5.75
N GLU B 427 -17.24 -14.84 4.87
CA GLU B 427 -18.67 -14.90 5.17
C GLU B 427 -18.98 -16.24 5.81
N GLU B 428 -18.06 -17.19 5.67
CA GLU B 428 -18.11 -18.47 6.36
C GLU B 428 -17.78 -18.34 7.87
N ARG B 429 -16.87 -17.43 8.19
CA ARG B 429 -16.49 -17.17 9.56
C ARG B 429 -17.23 -15.94 10.07
N GLN B 430 -18.47 -15.76 9.60
CA GLN B 430 -19.25 -14.59 10.00
C GLN B 430 -19.57 -14.63 11.51
N PRO B 431 -20.09 -15.76 12.00
CA PRO B 431 -20.31 -15.90 13.44
C PRO B 431 -19.13 -15.40 14.28
N LEU B 432 -17.92 -15.77 13.90
CA LEU B 432 -16.72 -15.45 14.67
C LEU B 432 -16.36 -13.97 14.61
N LEU B 433 -17.03 -13.22 13.75
CA LEU B 433 -16.64 -11.84 13.45
C LEU B 433 -17.28 -10.76 14.34
N HIS B 434 -18.27 -11.16 15.14
CA HIS B 434 -18.95 -10.21 16.02
C HIS B 434 -19.34 -8.92 15.30
N VAL B 435 -20.16 -9.04 14.26
CA VAL B 435 -20.53 -7.89 13.45
C VAL B 435 -21.77 -7.20 14.01
N ARG B 436 -21.94 -5.93 13.66
CA ARG B 436 -23.05 -5.13 14.15
C ARG B 436 -24.32 -5.38 13.33
N ASP B 437 -24.31 -4.89 12.10
CA ASP B 437 -25.15 -5.45 11.05
C ASP B 437 -24.48 -6.64 10.38
N GLU B 438 -25.13 -7.79 10.45
CA GLU B 438 -24.59 -9.01 9.86
C GLU B 438 -24.82 -9.05 8.35
N LYS B 439 -24.80 -7.88 7.73
CA LYS B 439 -25.02 -7.77 6.28
C LYS B 439 -24.44 -6.47 5.74
N GLU B 440 -23.76 -5.72 6.60
CA GLU B 440 -23.25 -4.41 6.23
C GLU B 440 -21.73 -4.44 6.03
N PHE B 441 -21.06 -5.25 6.84
CA PHE B 441 -19.60 -5.34 6.79
C PHE B 441 -19.13 -5.69 5.38
N LEU B 442 -19.59 -6.82 4.85
CA LEU B 442 -19.24 -7.24 3.50
C LEU B 442 -19.76 -6.30 2.42
N HIS B 443 -21.02 -5.91 2.51
CA HIS B 443 -21.54 -4.99 1.52
C HIS B 443 -20.68 -3.72 1.44
N THR B 444 -20.19 -3.25 2.58
CA THR B 444 -19.44 -2.01 2.57
C THR B 444 -18.03 -2.16 1.99
N ILE B 445 -17.37 -3.27 2.30
CA ILE B 445 -16.08 -3.54 1.66
C ILE B 445 -16.27 -3.87 0.18
N THR B 446 -17.34 -4.59 -0.13
CA THR B 446 -17.60 -4.97 -1.50
C THR B 446 -17.85 -3.72 -2.36
N GLU B 447 -18.76 -2.86 -1.91
CA GLU B 447 -19.05 -1.63 -2.63
C GLU B 447 -17.80 -0.77 -2.76
N GLN B 448 -17.00 -0.72 -1.70
CA GLN B 448 -15.77 0.08 -1.71
C GLN B 448 -14.70 -0.48 -2.65
N ALA B 449 -14.55 -1.79 -2.69
CA ALA B 449 -13.61 -2.43 -3.62
C ALA B 449 -14.08 -2.30 -5.07
N ALA B 450 -15.39 -2.20 -5.27
CA ALA B 450 -15.95 -2.00 -6.61
C ALA B 450 -15.56 -0.63 -7.15
N ARG B 451 -15.77 0.39 -6.34
CA ARG B 451 -15.45 1.76 -6.73
C ARG B 451 -13.94 1.92 -6.98
N ARG B 452 -13.15 1.13 -6.28
CA ARG B 452 -11.69 1.16 -6.44
C ARG B 452 -11.28 0.46 -7.72
N ALA B 453 -11.96 -0.63 -8.05
CA ALA B 453 -11.70 -1.35 -9.30
C ALA B 453 -12.09 -0.50 -10.52
N ASP B 454 -13.14 0.31 -10.38
CA ASP B 454 -13.57 1.22 -11.44
C ASP B 454 -12.45 2.20 -11.78
N GLU B 455 -11.90 2.82 -10.75
CA GLU B 455 -10.85 3.82 -10.90
C GLU B 455 -9.58 3.21 -11.48
N ASP B 456 -9.25 2.00 -11.05
CA ASP B 456 -8.00 1.36 -11.46
C ASP B 456 -8.13 0.80 -12.86
N GLY B 457 -9.34 0.81 -13.38
CA GLY B 457 -9.64 0.20 -14.67
C GLY B 457 -9.60 -1.33 -14.67
N ARG B 458 -9.67 -1.93 -13.49
CA ARG B 458 -9.72 -3.40 -13.39
C ARG B 458 -11.15 -3.86 -13.70
N ILE B 459 -11.44 -4.06 -14.98
CA ILE B 459 -12.83 -4.24 -15.40
C ILE B 459 -13.45 -5.57 -14.99
N TYR B 460 -12.70 -6.66 -15.11
CA TYR B 460 -13.18 -7.94 -14.60
C TYR B 460 -13.47 -7.93 -13.08
N ASP B 461 -12.66 -7.19 -12.32
CA ASP B 461 -12.92 -7.00 -10.90
C ASP B 461 -14.21 -6.22 -10.68
N SER B 462 -14.37 -5.12 -11.40
CA SER B 462 -15.57 -4.30 -11.24
C SER B 462 -16.82 -5.14 -11.49
N ILE B 463 -16.79 -5.96 -12.53
CA ILE B 463 -17.95 -6.78 -12.85
C ILE B 463 -18.27 -7.75 -11.71
N LEU B 464 -17.26 -8.51 -11.27
CA LEU B 464 -17.40 -9.43 -10.13
C LEU B 464 -17.97 -8.74 -8.88
N LEU B 465 -17.37 -7.62 -8.49
CA LEU B 465 -17.77 -6.90 -7.29
C LEU B 465 -19.15 -6.25 -7.37
N TYR B 466 -19.50 -5.71 -8.54
CA TYR B 466 -20.84 -5.16 -8.72
C TYR B 466 -21.93 -6.23 -8.74
N GLN B 467 -21.57 -7.45 -9.14
CA GLN B 467 -22.47 -8.60 -9.02
C GLN B 467 -22.79 -8.83 -7.55
N LEU B 468 -21.73 -8.93 -6.74
CA LEU B 468 -21.88 -9.21 -5.30
C LEU B 468 -22.55 -8.05 -4.58
N ALA B 469 -22.36 -6.83 -5.09
CA ALA B 469 -23.09 -5.66 -4.59
C ALA B 469 -24.55 -5.68 -5.01
N GLU B 470 -24.90 -6.60 -5.91
CA GLU B 470 -26.26 -6.73 -6.43
C GLU B 470 -26.66 -5.52 -7.25
N GLU B 471 -25.66 -4.87 -7.83
CA GLU B 471 -25.87 -3.68 -8.63
C GLU B 471 -26.07 -4.08 -10.10
N TYR B 472 -27.22 -4.69 -10.39
CA TYR B 472 -27.45 -5.41 -11.64
C TYR B 472 -27.33 -4.56 -12.91
N ASP B 473 -27.90 -3.38 -12.89
CA ASP B 473 -27.83 -2.48 -14.04
C ASP B 473 -26.39 -2.09 -14.40
N ILE B 474 -25.60 -1.71 -13.39
CA ILE B 474 -24.19 -1.35 -13.61
C ILE B 474 -23.38 -2.52 -14.19
N VAL B 475 -23.73 -3.73 -13.80
CA VAL B 475 -23.07 -4.93 -14.32
C VAL B 475 -23.27 -5.12 -15.81
N ILE B 476 -24.52 -4.98 -16.26
CA ILE B 476 -24.81 -5.09 -17.68
C ILE B 476 -24.12 -3.98 -18.47
N THR B 477 -24.18 -2.75 -17.96
CA THR B 477 -23.49 -1.62 -18.58
C THR B 477 -22.02 -1.98 -18.83
N LEU B 478 -21.34 -2.45 -17.79
CA LEU B 478 -19.94 -2.88 -17.89
C LEU B 478 -19.68 -4.09 -18.82
N VAL B 479 -20.56 -5.09 -18.77
CA VAL B 479 -20.45 -6.23 -19.69
C VAL B 479 -20.62 -5.76 -21.14
N ASN B 480 -21.58 -4.87 -21.37
CA ASN B 480 -21.80 -4.34 -22.71
C ASN B 480 -20.58 -3.63 -23.28
N SER B 481 -19.98 -2.75 -22.48
CA SER B 481 -18.76 -2.07 -22.91
C SER B 481 -17.65 -3.07 -23.21
N LEU B 482 -17.44 -3.98 -22.29
CA LEU B 482 -16.41 -4.98 -22.48
C LEU B 482 -16.66 -5.81 -23.74
N LEU B 483 -17.89 -6.29 -23.89
CA LEU B 483 -18.21 -7.16 -25.03
C LEU B 483 -18.19 -6.38 -26.34
N SER B 484 -18.73 -5.17 -26.34
CA SER B 484 -18.68 -4.33 -27.53
C SER B 484 -17.24 -4.11 -27.95
N ASP B 485 -16.36 -3.82 -26.98
CA ASP B 485 -14.94 -3.62 -27.25
C ASP B 485 -14.23 -4.85 -27.79
N THR B 486 -14.58 -6.02 -27.25
CA THR B 486 -14.00 -7.25 -27.73
C THR B 486 -14.40 -7.55 -29.18
N LEU B 487 -15.66 -7.30 -29.53
CA LEU B 487 -16.12 -7.53 -30.90
C LEU B 487 -15.42 -6.60 -31.89
N SER B 488 -15.49 -5.30 -31.65
CA SER B 488 -14.90 -4.33 -32.58
C SER B 488 -13.40 -4.52 -32.80
N ALA B 489 -12.68 -4.94 -31.75
CA ALA B 489 -11.23 -5.00 -31.77
C ALA B 489 -10.68 -6.37 -32.13
N SER B 490 -11.49 -7.42 -31.93
CA SER B 490 -11.07 -8.76 -32.31
C SER B 490 -11.01 -8.92 -33.83
N ASP B 491 -10.19 -9.86 -34.29
CA ASP B 491 -10.01 -10.08 -35.71
C ASP B 491 -11.03 -11.07 -36.25
N LEU B 492 -11.68 -10.71 -37.36
CA LEU B 492 -12.73 -11.53 -37.97
C LEU B 492 -12.25 -12.92 -38.41
N ASP B 493 -10.95 -13.06 -38.64
CA ASP B 493 -10.36 -14.31 -39.12
C ASP B 493 -10.03 -15.27 -37.98
N GLN B 494 -10.36 -14.87 -36.76
CA GLN B 494 -10.05 -15.70 -35.60
C GLN B 494 -11.23 -15.87 -34.64
N PRO B 495 -11.36 -17.08 -34.08
CA PRO B 495 -12.44 -17.46 -33.17
C PRO B 495 -12.57 -16.50 -32.01
N LEU B 496 -13.80 -16.11 -31.72
CA LEU B 496 -14.05 -15.28 -30.56
C LEU B 496 -13.81 -16.06 -29.29
N VAL B 497 -13.91 -17.38 -29.39
CA VAL B 497 -13.88 -18.24 -28.23
C VAL B 497 -13.08 -19.50 -28.52
N GLY B 498 -11.94 -19.66 -27.85
CA GLY B 498 -11.16 -20.87 -27.96
C GLY B 498 -11.73 -21.92 -27.03
N PRO B 499 -11.25 -23.16 -27.13
CA PRO B 499 -11.75 -24.22 -26.23
C PRO B 499 -11.19 -24.12 -24.80
N ASP B 500 -10.32 -23.14 -24.55
CA ASP B 500 -9.70 -22.99 -23.22
C ASP B 500 -10.33 -21.84 -22.44
N ASP B 501 -11.15 -21.05 -23.12
CA ASP B 501 -11.79 -19.89 -22.53
C ASP B 501 -12.79 -20.28 -21.46
N ASN B 502 -13.18 -19.32 -20.62
CA ASN B 502 -14.21 -19.56 -19.63
C ASN B 502 -15.00 -18.28 -19.34
N SER B 503 -16.07 -18.44 -18.55
CA SER B 503 -16.98 -17.36 -18.25
C SER B 503 -16.30 -16.21 -17.52
N GLU B 504 -15.10 -16.46 -17.00
CA GLU B 504 -14.41 -15.46 -16.16
C GLU B 504 -13.37 -14.65 -16.92
N THR B 505 -12.93 -15.17 -18.05
CA THR B 505 -11.86 -14.53 -18.82
C THR B 505 -12.35 -14.04 -20.18
N ASN B 506 -13.18 -14.85 -20.85
CA ASN B 506 -13.75 -14.49 -22.13
C ASN B 506 -15.06 -13.69 -22.01
N PRO B 507 -15.07 -12.49 -22.58
CA PRO B 507 -16.18 -11.51 -22.53
C PRO B 507 -17.46 -12.04 -23.16
N VAL B 508 -17.33 -12.84 -24.22
CA VAL B 508 -18.51 -13.51 -24.77
C VAL B 508 -19.10 -14.55 -23.80
N LEU B 509 -18.25 -15.42 -23.25
CA LEU B 509 -18.74 -16.39 -22.28
C LEU B 509 -19.29 -15.69 -21.04
N LEU B 510 -18.62 -14.62 -20.62
CA LEU B 510 -19.07 -13.84 -19.48
C LEU B 510 -20.45 -13.21 -19.72
N ALA B 511 -20.61 -12.54 -20.86
CA ALA B 511 -21.90 -11.93 -21.19
C ALA B 511 -23.01 -12.97 -21.26
N ARG B 512 -22.72 -14.14 -21.80
CA ARG B 512 -23.74 -15.19 -21.91
C ARG B 512 -24.19 -15.64 -20.55
N ARG B 513 -23.24 -15.73 -19.64
CA ARG B 513 -23.53 -16.15 -18.28
C ARG B 513 -24.33 -15.09 -17.53
N MET B 514 -23.98 -13.81 -17.69
CA MET B 514 -24.79 -12.75 -17.10
C MET B 514 -26.24 -12.78 -17.63
N ALA B 515 -26.39 -13.01 -18.94
CA ALA B 515 -27.71 -13.04 -19.55
C ALA B 515 -28.59 -14.13 -18.96
N SER B 516 -28.07 -15.36 -18.91
CA SER B 516 -28.85 -16.51 -18.42
C SER B 516 -29.21 -16.45 -16.93
N ILE B 517 -28.37 -15.80 -16.14
CA ILE B 517 -28.61 -15.63 -14.72
C ILE B 517 -29.55 -14.46 -14.41
N TYR B 518 -29.45 -13.39 -15.20
CA TYR B 518 -30.18 -12.15 -14.89
C TYR B 518 -31.43 -11.92 -15.73
N PHE B 519 -31.35 -12.20 -17.04
CA PHE B 519 -32.44 -11.87 -17.93
C PHE B 519 -33.70 -12.71 -17.72
N ASP B 520 -33.51 -13.99 -17.40
CA ASP B 520 -34.64 -14.90 -17.21
C ASP B 520 -35.10 -14.96 -15.75
N ASN B 521 -34.45 -14.19 -14.90
CA ASN B 521 -34.81 -14.06 -13.49
C ASN B 521 -35.65 -12.79 -13.35
N ALA B 522 -36.97 -12.94 -13.34
CA ALA B 522 -37.89 -11.81 -13.36
C ALA B 522 -37.58 -10.77 -12.29
N GLY B 523 -37.29 -11.23 -11.07
CA GLY B 523 -36.97 -10.32 -9.99
C GLY B 523 -35.81 -9.40 -10.28
N ILE B 524 -34.81 -9.94 -10.97
CA ILE B 524 -33.58 -9.20 -11.26
C ILE B 524 -33.71 -8.36 -12.54
N SER B 525 -34.42 -8.87 -13.54
CA SER B 525 -34.54 -8.18 -14.82
C SER B 525 -35.16 -6.78 -14.67
N ARG B 526 -36.13 -6.62 -13.80
CA ARG B 526 -36.79 -5.33 -13.64
C ARG B 526 -35.84 -4.25 -13.11
N GLN B 527 -34.75 -4.67 -12.48
CA GLN B 527 -33.78 -3.73 -11.94
C GLN B 527 -32.82 -3.28 -13.03
N ILE B 528 -32.91 -3.95 -14.18
CA ILE B 528 -32.05 -3.63 -15.31
C ILE B 528 -32.82 -2.75 -16.31
N HIS B 529 -32.20 -1.65 -16.74
CA HIS B 529 -32.86 -0.73 -17.66
C HIS B 529 -33.16 -1.43 -18.98
N VAL B 530 -34.39 -1.32 -19.46
CA VAL B 530 -34.81 -2.07 -20.63
C VAL B 530 -33.86 -1.89 -21.82
N LYS B 531 -33.29 -0.70 -21.94
CA LYS B 531 -32.34 -0.38 -23.02
C LYS B 531 -31.00 -1.11 -22.87
N ASN B 532 -30.51 -1.23 -21.63
CA ASN B 532 -29.30 -2.00 -21.34
C ASN B 532 -29.42 -3.47 -21.72
N LYS B 533 -30.57 -4.05 -21.46
CA LYS B 533 -30.81 -5.46 -21.77
C LYS B 533 -30.92 -5.69 -23.28
N GLU B 534 -31.46 -4.71 -24.00
CA GLU B 534 -31.55 -4.79 -25.47
C GLU B 534 -30.17 -4.83 -26.09
N ILE B 535 -29.31 -3.91 -25.65
CA ILE B 535 -27.94 -3.81 -26.17
C ILE B 535 -27.17 -5.10 -25.97
N CYS B 536 -27.27 -5.65 -24.76
CA CYS B 536 -26.62 -6.93 -24.42
C CYS B 536 -27.13 -8.05 -25.32
N MET B 537 -28.46 -8.21 -25.38
CA MET B 537 -29.06 -9.18 -26.29
C MET B 537 -28.50 -9.01 -27.70
N LEU B 538 -28.45 -7.77 -28.16
CA LEU B 538 -27.91 -7.49 -29.50
C LEU B 538 -26.45 -7.95 -29.57
N LEU B 539 -25.63 -7.54 -28.60
CA LEU B 539 -24.22 -7.93 -28.60
C LEU B 539 -24.06 -9.45 -28.56
N LEU B 540 -24.86 -10.13 -27.77
CA LEU B 540 -24.91 -11.60 -27.87
C LEU B 540 -25.31 -12.16 -29.26
N ASN B 541 -26.31 -11.55 -29.91
CA ASN B 541 -26.67 -11.95 -31.29
C ASN B 541 -25.52 -11.75 -32.28
N ILE B 542 -24.81 -10.63 -32.15
CA ILE B 542 -23.64 -10.36 -32.97
C ILE B 542 -22.53 -11.41 -32.73
N SER B 543 -22.41 -11.87 -31.48
CA SER B 543 -21.47 -12.96 -31.13
C SER B 543 -21.77 -14.21 -31.92
N SER B 544 -23.03 -14.66 -31.88
CA SER B 544 -23.51 -15.79 -32.70
C SER B 544 -23.15 -15.59 -34.18
N ILE B 545 -23.50 -14.42 -34.71
CA ILE B 545 -23.21 -14.11 -36.10
C ILE B 545 -21.73 -14.24 -36.41
N ARG B 546 -20.90 -13.80 -35.46
CA ARG B 546 -19.46 -13.91 -35.59
C ARG B 546 -18.98 -15.34 -35.71
N GLU B 547 -19.53 -16.22 -34.87
CA GLU B 547 -19.16 -17.63 -34.95
C GLU B 547 -19.68 -18.34 -36.22
N LEU B 548 -20.89 -17.98 -36.67
CA LEU B 548 -21.37 -18.48 -37.97
C LEU B 548 -20.47 -18.01 -39.09
N TYR B 549 -20.06 -16.75 -39.01
CA TYR B 549 -19.27 -16.13 -40.08
C TYR B 549 -17.88 -16.70 -40.17
N PHE B 550 -17.30 -17.00 -39.02
CA PHE B 550 -15.99 -17.65 -38.99
C PHE B 550 -16.03 -19.03 -39.67
N ASN B 551 -17.12 -19.77 -39.42
CA ASN B 551 -17.29 -21.10 -39.99
C ASN B 551 -17.82 -21.11 -41.42
N LYS B 552 -17.98 -19.95 -42.00
CA LYS B 552 -18.33 -19.82 -43.42
C LYS B 552 -19.77 -20.19 -43.73
N GLN B 553 -20.64 -20.10 -42.74
CA GLN B 553 -22.06 -20.36 -42.96
C GLN B 553 -22.76 -19.09 -43.47
N TRP B 554 -22.44 -18.71 -44.71
CA TRP B 554 -22.80 -17.39 -45.24
C TRP B 554 -24.28 -17.04 -45.14
N GLN B 555 -25.11 -18.03 -45.46
CA GLN B 555 -26.54 -17.86 -45.55
C GLN B 555 -27.16 -17.61 -44.18
N GLU B 556 -26.83 -18.47 -43.23
CA GLU B 556 -27.41 -18.34 -41.91
C GLU B 556 -26.94 -17.04 -41.23
N THR B 557 -25.71 -16.60 -41.55
CA THR B 557 -25.20 -15.32 -41.07
C THR B 557 -26.11 -14.20 -41.57
N LEU B 558 -26.25 -14.09 -42.90
CA LEU B 558 -27.11 -13.06 -43.51
C LEU B 558 -28.49 -13.04 -42.91
N SER B 559 -29.05 -14.23 -42.76
CA SER B 559 -30.37 -14.40 -42.20
C SER B 559 -30.42 -13.84 -40.77
N GLN B 560 -29.35 -14.07 -40.02
CA GLN B 560 -29.22 -13.57 -38.64
C GLN B 560 -28.87 -12.09 -38.62
N MET B 561 -28.03 -11.71 -39.56
CA MET B 561 -27.76 -10.29 -39.73
C MET B 561 -29.06 -9.49 -39.88
N GLU B 562 -29.99 -9.99 -40.71
CA GLU B 562 -31.26 -9.29 -40.95
C GLU B 562 -32.14 -9.12 -39.72
N LEU B 563 -32.23 -10.16 -38.88
CA LEU B 563 -32.99 -10.08 -37.64
C LEU B 563 -32.49 -9.02 -36.67
N LEU B 564 -31.27 -8.52 -36.89
CA LEU B 564 -30.69 -7.48 -36.04
C LEU B 564 -31.44 -6.13 -36.13
N ASP B 565 -31.98 -5.86 -37.32
CA ASP B 565 -32.67 -4.60 -37.58
C ASP B 565 -31.70 -3.40 -37.46
N LEU B 566 -30.50 -3.58 -38.00
CA LEU B 566 -29.47 -2.55 -37.88
C LEU B 566 -29.01 -2.09 -39.25
N LEU B 567 -28.90 -3.04 -40.17
CA LEU B 567 -28.47 -2.72 -41.52
C LEU B 567 -29.68 -2.58 -42.46
N PRO B 568 -29.49 -1.89 -43.59
CA PRO B 568 -30.51 -1.73 -44.63
C PRO B 568 -30.80 -3.00 -45.42
N PHE B 569 -31.70 -3.85 -44.93
CA PHE B 569 -32.02 -5.11 -45.60
C PHE B 569 -33.30 -4.97 -46.41
N SER B 570 -34.20 -4.09 -45.98
CA SER B 570 -35.34 -3.68 -46.79
C SER B 570 -34.95 -2.61 -47.80
N ALA B 575 -32.27 2.09 -45.33
CA ALA B 575 -31.15 2.73 -46.01
C ALA B 575 -30.85 4.10 -45.41
N ARG B 576 -31.42 5.14 -46.02
CA ARG B 576 -31.16 6.50 -45.58
C ARG B 576 -31.80 6.78 -44.23
N LYS B 577 -32.91 6.11 -43.95
CA LYS B 577 -33.52 6.15 -42.63
C LYS B 577 -32.55 5.68 -41.55
N LYS B 578 -31.97 4.51 -41.76
CA LYS B 578 -31.05 3.92 -40.78
C LYS B 578 -29.69 4.65 -40.66
N ALA B 579 -29.32 5.40 -41.69
CA ALA B 579 -28.11 6.20 -41.63
C ALA B 579 -28.36 7.50 -40.85
N GLN B 580 -29.60 8.00 -40.94
CA GLN B 580 -29.97 9.17 -40.14
C GLN B 580 -30.18 8.77 -38.70
N ASP B 581 -30.56 7.50 -38.49
CA ASP B 581 -30.74 6.99 -37.15
C ASP B 581 -29.38 6.70 -36.49
N PHE B 582 -28.38 6.42 -37.31
CA PHE B 582 -27.04 6.05 -36.82
C PHE B 582 -26.57 6.91 -35.63
N SER B 583 -26.91 8.19 -35.67
CA SER B 583 -26.48 9.14 -34.65
C SER B 583 -27.15 8.85 -33.31
N ASN B 584 -28.23 8.08 -33.34
CA ASN B 584 -28.99 7.79 -32.13
C ASN B 584 -28.67 6.42 -31.55
N LEU B 585 -27.87 5.63 -32.26
CA LEU B 585 -27.43 4.35 -31.73
C LEU B 585 -26.59 4.52 -30.47
N ASP B 586 -26.73 3.57 -29.55
CA ASP B 586 -25.89 3.46 -28.36
C ASP B 586 -24.44 3.44 -28.81
N ASP B 587 -23.55 3.97 -27.98
CA ASP B 587 -22.14 4.03 -28.31
C ASP B 587 -21.55 2.64 -28.51
N ASN B 588 -22.01 1.69 -27.69
CA ASN B 588 -21.57 0.31 -27.81
C ASN B 588 -21.95 -0.36 -29.15
N ILE B 589 -23.13 -0.05 -29.69
CA ILE B 589 -23.52 -0.64 -30.97
C ILE B 589 -22.71 -0.02 -32.09
N VAL B 590 -22.61 1.31 -32.04
CA VAL B 590 -21.95 2.11 -33.07
C VAL B 590 -20.58 1.60 -33.52
N LYS B 591 -19.77 1.12 -32.58
CA LYS B 591 -18.43 0.71 -32.96
C LYS B 591 -18.42 -0.65 -33.64
N ASN B 592 -19.57 -1.30 -33.64
CA ASN B 592 -19.68 -2.65 -34.19
C ASN B 592 -20.21 -2.70 -35.62
N ILE B 593 -20.95 -1.66 -36.00
CA ILE B 593 -21.51 -1.53 -37.34
C ILE B 593 -20.50 -1.73 -38.49
N PRO B 594 -19.30 -1.15 -38.39
CA PRO B 594 -18.38 -1.38 -39.51
C PRO B 594 -18.06 -2.85 -39.75
N ASN B 595 -17.85 -3.62 -38.69
CA ASN B 595 -17.58 -5.04 -38.85
C ASN B 595 -18.79 -5.81 -39.38
N LEU B 596 -19.98 -5.36 -38.98
CA LEU B 596 -21.23 -5.94 -39.47
C LEU B 596 -21.41 -5.75 -40.98
N LEU B 597 -21.02 -4.58 -41.47
CA LEU B 597 -21.12 -4.30 -42.91
C LEU B 597 -20.12 -5.14 -43.68
N ILE B 598 -18.93 -5.34 -43.12
CA ILE B 598 -17.92 -6.17 -43.78
C ILE B 598 -18.35 -7.62 -43.84
N ILE B 599 -19.03 -8.08 -42.79
CA ILE B 599 -19.59 -9.42 -42.75
C ILE B 599 -20.74 -9.59 -43.75
N THR B 600 -21.70 -8.68 -43.67
CA THR B 600 -22.88 -8.72 -44.52
C THR B 600 -22.51 -8.73 -45.99
N LEU B 601 -21.44 -8.02 -46.30
CA LEU B 601 -21.06 -7.76 -47.69
C LEU B 601 -20.17 -8.88 -48.22
N SER B 602 -19.56 -9.60 -47.29
CA SER B 602 -18.68 -10.71 -47.63
C SER B 602 -19.45 -12.02 -47.74
N CYS B 603 -20.54 -12.17 -46.98
CA CYS B 603 -21.41 -13.33 -47.12
C CYS B 603 -22.18 -13.21 -48.42
N ILE B 604 -22.37 -11.97 -48.87
CA ILE B 604 -23.07 -11.74 -50.12
C ILE B 604 -22.19 -12.13 -51.29
N SER B 605 -20.96 -11.63 -51.30
CA SER B 605 -20.01 -12.01 -52.34
C SER B 605 -19.85 -13.52 -52.43
N ASN B 606 -19.91 -14.21 -51.29
CA ASN B 606 -19.74 -15.65 -51.29
C ASN B 606 -20.97 -16.40 -51.79
N MET B 607 -22.15 -15.97 -51.35
CA MET B 607 -23.40 -16.63 -51.74
C MET B 607 -23.60 -16.49 -53.24
N ILE B 608 -23.36 -15.28 -53.75
CA ILE B 608 -23.41 -15.00 -55.16
C ILE B 608 -22.45 -15.90 -55.93
N HIS B 609 -21.32 -16.23 -55.31
CA HIS B 609 -20.36 -17.12 -55.93
C HIS B 609 -20.92 -18.53 -56.09
N ILE B 610 -21.48 -19.09 -55.01
CA ILE B 610 -21.99 -20.46 -55.11
C ILE B 610 -23.18 -20.56 -56.04
N LEU B 611 -23.92 -19.46 -56.21
CA LEU B 611 -25.14 -19.47 -57.01
C LEU B 611 -24.81 -19.40 -58.51
N ASN B 612 -23.65 -18.81 -58.81
CA ASN B 612 -23.20 -18.70 -60.18
C ASN B 612 -22.55 -19.97 -60.71
N GLU B 613 -22.05 -20.80 -59.80
CA GLU B 613 -21.49 -22.08 -60.18
C GLU B 613 -22.51 -22.82 -61.02
N SER B 614 -22.03 -23.48 -62.07
CA SER B 614 -22.92 -24.14 -63.01
C SER B 614 -23.77 -25.20 -62.33
N LYS B 615 -23.20 -25.85 -61.33
CA LYS B 615 -23.87 -26.96 -60.69
C LYS B 615 -25.08 -26.49 -59.90
N TYR B 616 -25.15 -25.18 -59.66
CA TYR B 616 -26.29 -24.66 -58.92
C TYR B 616 -27.51 -24.57 -59.82
N GLN B 617 -28.49 -25.45 -59.56
CA GLN B 617 -29.73 -25.47 -60.32
C GLN B 617 -30.92 -25.08 -59.44
N SER B 618 -31.41 -23.87 -59.60
CA SER B 618 -32.65 -23.46 -58.97
C SER B 618 -33.45 -22.63 -59.97
N SER B 619 -34.76 -22.70 -59.91
CA SER B 619 -35.59 -21.88 -60.80
C SER B 619 -35.61 -20.42 -60.34
N THR B 620 -35.12 -20.16 -59.14
CA THR B 620 -35.14 -18.79 -58.62
C THR B 620 -33.73 -18.23 -58.40
N LYS B 621 -32.74 -18.95 -58.91
CA LYS B 621 -31.35 -18.55 -58.86
C LYS B 621 -31.17 -17.06 -59.17
N GLY B 622 -31.69 -16.63 -60.31
CA GLY B 622 -31.55 -15.26 -60.76
C GLY B 622 -32.13 -14.24 -59.79
N GLN B 623 -33.30 -14.56 -59.24
CA GLN B 623 -33.98 -13.67 -58.30
C GLN B 623 -33.24 -13.56 -56.97
N GLN B 624 -32.72 -14.67 -56.45
CA GLN B 624 -31.93 -14.66 -55.22
C GLN B 624 -30.70 -13.75 -55.39
N ILE B 625 -30.06 -13.85 -56.55
CA ILE B 625 -28.85 -13.09 -56.82
C ILE B 625 -29.16 -11.60 -56.84
N ASP B 626 -30.19 -11.22 -57.56
CA ASP B 626 -30.59 -9.81 -57.64
C ASP B 626 -30.92 -9.29 -56.25
N SER B 627 -31.63 -10.11 -55.48
CA SER B 627 -32.01 -9.80 -54.11
C SER B 627 -30.80 -9.64 -53.18
N LEU B 628 -29.73 -10.40 -53.45
CA LEU B 628 -28.49 -10.25 -52.72
C LEU B 628 -27.78 -8.98 -53.18
N LYS B 629 -27.91 -8.66 -54.45
CA LYS B 629 -27.30 -7.45 -54.98
C LYS B 629 -28.03 -6.21 -54.48
N ASN B 630 -29.31 -6.32 -54.21
CA ASN B 630 -30.03 -5.20 -53.61
C ASN B 630 -29.51 -4.86 -52.22
N VAL B 631 -29.36 -5.88 -51.37
CA VAL B 631 -28.86 -5.69 -50.02
C VAL B 631 -27.46 -5.08 -50.00
N ALA B 632 -26.56 -5.66 -50.81
CA ALA B 632 -25.23 -5.09 -51.03
C ALA B 632 -25.30 -3.62 -51.41
N ARG B 633 -26.17 -3.30 -52.37
CA ARG B 633 -26.26 -1.95 -52.93
C ARG B 633 -26.63 -0.96 -51.85
N GLN B 634 -27.64 -1.29 -51.07
CA GLN B 634 -28.11 -0.43 -49.98
C GLN B 634 -27.13 -0.33 -48.81
N CYS B 635 -26.36 -1.39 -48.58
CA CYS B 635 -25.32 -1.35 -47.54
C CYS B 635 -24.26 -0.35 -47.90
N MET B 636 -23.97 -0.20 -49.19
CA MET B 636 -23.00 0.79 -49.65
C MET B 636 -23.49 2.22 -49.49
N ILE B 637 -24.66 2.50 -50.01
CA ILE B 637 -25.28 3.81 -49.82
C ILE B 637 -25.21 4.16 -48.33
N TYR B 638 -25.70 3.25 -47.51
CA TYR B 638 -25.61 3.38 -46.06
C TYR B 638 -24.17 3.70 -45.62
N ALA B 639 -23.24 2.81 -45.96
CA ALA B 639 -21.86 2.92 -45.49
C ALA B 639 -21.26 4.28 -45.83
N GLY B 640 -21.48 4.73 -47.05
CA GLY B 640 -20.92 5.97 -47.53
C GLY B 640 -21.45 7.16 -46.76
N MET B 641 -22.72 7.11 -46.39
CA MET B 641 -23.30 8.15 -45.55
C MET B 641 -22.67 8.22 -44.13
N ILE B 642 -22.11 7.12 -43.65
CA ILE B 642 -21.51 7.09 -42.33
C ILE B 642 -20.02 6.76 -42.43
N GLN B 643 -19.43 7.01 -43.60
CA GLN B 643 -18.07 6.56 -43.85
C GLN B 643 -17.02 7.19 -42.96
N TYR B 644 -17.26 8.41 -42.48
CA TYR B 644 -16.30 9.05 -41.60
C TYR B 644 -16.59 8.71 -40.13
N ARG B 645 -17.47 7.75 -39.93
CA ARG B 645 -17.77 7.27 -38.60
C ARG B 645 -17.29 5.83 -38.36
N MET B 646 -16.24 5.48 -39.11
CA MET B 646 -15.48 4.25 -38.93
C MET B 646 -14.09 4.56 -39.44
N PRO B 647 -13.08 3.72 -39.14
CA PRO B 647 -11.74 4.05 -39.63
C PRO B 647 -11.71 3.97 -41.15
N ARG B 648 -10.92 4.83 -41.80
CA ARG B 648 -10.84 4.78 -43.25
C ARG B 648 -10.29 3.42 -43.67
N GLU B 649 -9.37 2.90 -42.87
CA GLU B 649 -8.76 1.61 -43.13
C GLU B 649 -9.82 0.55 -43.37
N THR B 650 -10.88 0.57 -42.57
CA THR B 650 -11.94 -0.41 -42.72
C THR B 650 -12.97 -0.02 -43.79
N TYR B 651 -13.34 1.25 -43.86
CA TYR B 651 -14.27 1.64 -44.91
C TYR B 651 -13.66 1.36 -46.27
N SER B 652 -12.36 1.09 -46.30
CA SER B 652 -11.68 0.86 -47.56
C SER B 652 -11.81 -0.59 -48.00
N THR B 653 -11.71 -1.52 -47.05
CA THR B 653 -11.88 -2.93 -47.39
C THR B 653 -13.34 -3.16 -47.75
N LEU B 654 -14.23 -2.44 -47.08
CA LEU B 654 -15.66 -2.51 -47.32
C LEU B 654 -16.04 -1.95 -48.70
N ILE B 655 -15.21 -1.11 -49.26
CA ILE B 655 -15.47 -0.60 -50.60
C ILE B 655 -14.85 -1.55 -51.62
N ASN B 656 -13.64 -2.02 -51.30
CA ASN B 656 -12.94 -2.98 -52.15
C ASN B 656 -13.42 -4.38 -51.85
N ILE B 657 -14.50 -4.76 -52.50
CA ILE B 657 -15.17 -6.02 -52.28
C ILE B 657 -16.32 -6.03 -53.28
N ASP B 658 -16.04 -6.52 -54.48
CA ASP B 658 -16.96 -6.37 -55.61
C ASP B 658 -18.00 -7.48 -55.71
N VAL B 659 -19.26 -7.09 -55.57
CA VAL B 659 -20.34 -8.05 -55.47
C VAL B 659 -21.61 -7.57 -56.20
CL CL C . 23.36 4.88 33.12
CL CL D . -18.78 -7.42 -34.93
#